data_1L8X
#
_entry.id   1L8X
#
_cell.length_a   84.38
_cell.length_b   96.66
_cell.length_c   120.70
_cell.angle_alpha   90.00
_cell.angle_beta   90.00
_cell.angle_gamma   90.00
#
_symmetry.space_group_name_H-M   'P 21 21 21'
#
loop_
_entity.id
_entity.type
_entity.pdbx_description
1 polymer Ferrochelatase
2 non-polymer 'COBALT (II) ION'
3 water water
#
_entity_poly.entity_id   1
_entity_poly.type   'polypeptide(L)'
_entity_poly.pdbx_seq_one_letter_code
;NAQKRSPTGIVLMNMGGPSKVEETYDFLYQLFADNDLIPISAKYQKTIAKYIAKFRTPKIEKQYREIGGGSPIRKWSEYQ
ATEVCKILDKTCPETAPHKPYVAFRYAKPLTAETYKQMLKDGVKKAVAFSQYPHFSYSTTGSSINELWRQIKALDSERSI
SWSVIDRWPTNEGLIKAFSENITKKLQEFPQPVRDKVVLLFSAHSLPMDVVNTGDAYPAEVAATVYNIMQKLKFKNPYRL
VWQSQVGPKPWLGAQTAEIAEFLGPKVDGLMFIPIAFTSDHIETLHEIDLGVIGESEYKDKFKRCESLNGNQTFIEGMAD
LVKSHLQSNQLYSNQLPLDFALGKSNDPVKDLSLVFGNHEST
;
_entity_poly.pdbx_strand_id   A,B
#
loop_
_chem_comp.id
_chem_comp.type
_chem_comp.name
_chem_comp.formula
CO non-polymer 'COBALT (II) ION' 'Co 2'
#
# COMPACT_ATOMS: atom_id res chain seq x y z
N SER A 6 16.81 -22.73 31.59
CA SER A 6 15.64 -21.82 31.68
C SER A 6 15.10 -21.52 30.27
N PRO A 7 13.89 -22.02 29.97
CA PRO A 7 13.19 -21.88 28.68
C PRO A 7 12.95 -20.48 28.16
N THR A 8 13.04 -20.37 26.84
CA THR A 8 12.82 -19.11 26.16
C THR A 8 11.41 -19.21 25.61
N GLY A 9 10.57 -18.25 25.97
CA GLY A 9 9.19 -18.25 25.54
C GLY A 9 8.87 -17.66 24.17
N ILE A 10 8.32 -18.49 23.30
CA ILE A 10 7.90 -18.03 21.99
C ILE A 10 6.38 -17.98 22.01
N VAL A 11 5.84 -16.78 22.18
CA VAL A 11 4.40 -16.59 22.28
C VAL A 11 3.71 -16.02 21.06
N LEU A 12 2.95 -16.85 20.36
CA LEU A 12 2.22 -16.41 19.18
C LEU A 12 1.03 -15.56 19.61
N MET A 13 0.90 -14.38 19.03
CA MET A 13 -0.19 -13.48 19.37
C MET A 13 -1.04 -13.11 18.15
N ASN A 14 -2.30 -12.74 18.39
CA ASN A 14 -3.24 -12.37 17.33
C ASN A 14 -4.59 -12.20 18.01
N MET A 15 -5.45 -11.34 17.47
CA MET A 15 -6.76 -11.05 18.04
C MET A 15 -7.58 -12.22 18.57
N GLY A 16 -7.53 -13.36 17.90
CA GLY A 16 -8.25 -14.54 18.36
C GLY A 16 -9.66 -14.82 17.83
N GLY A 17 -10.17 -16.00 18.16
CA GLY A 17 -11.50 -16.39 17.77
C GLY A 17 -12.00 -17.48 18.69
N PRO A 18 -13.32 -17.57 18.97
CA PRO A 18 -13.92 -18.57 19.85
C PRO A 18 -13.63 -20.03 19.46
N SER A 19 -12.88 -20.73 20.31
CA SER A 19 -12.52 -22.14 20.05
C SER A 19 -13.77 -22.93 19.66
N LYS A 20 -14.81 -22.79 20.48
CA LYS A 20 -16.09 -23.46 20.27
C LYS A 20 -17.22 -22.46 20.54
N VAL A 21 -18.33 -22.62 19.82
CA VAL A 21 -19.49 -21.74 19.93
C VAL A 21 -19.82 -21.08 21.26
N GLU A 22 -19.74 -21.81 22.36
CA GLU A 22 -20.05 -21.23 23.67
C GLU A 22 -19.13 -20.08 24.01
N GLU A 23 -17.90 -20.17 23.53
CA GLU A 23 -16.87 -19.17 23.77
C GLU A 23 -17.20 -17.77 23.25
N THR A 24 -18.25 -17.67 22.45
CA THR A 24 -18.67 -16.40 21.86
C THR A 24 -18.90 -15.30 22.89
N TYR A 25 -19.74 -15.57 23.88
CA TYR A 25 -20.03 -14.56 24.90
C TYR A 25 -18.77 -13.90 25.45
N ASP A 26 -17.88 -14.71 26.00
CA ASP A 26 -16.64 -14.20 26.59
C ASP A 26 -15.79 -13.52 25.53
N PHE A 27 -15.79 -14.08 24.33
CA PHE A 27 -15.01 -13.49 23.24
C PHE A 27 -15.55 -12.11 22.94
N LEU A 28 -16.87 -12.01 22.79
CA LEU A 28 -17.51 -10.74 22.51
C LEU A 28 -17.40 -9.77 23.68
N TYR A 29 -17.40 -10.30 24.90
CA TYR A 29 -17.26 -9.45 26.08
C TYR A 29 -15.87 -8.82 26.09
N GLN A 30 -14.84 -9.64 25.88
CA GLN A 30 -13.47 -9.14 25.87
C GLN A 30 -13.36 -8.01 24.87
N LEU A 31 -13.87 -8.26 23.68
CA LEU A 31 -13.84 -7.29 22.61
C LEU A 31 -14.50 -5.99 23.06
N PHE A 32 -15.78 -6.07 23.41
CA PHE A 32 -16.55 -4.91 23.83
C PHE A 32 -16.18 -4.25 25.16
N ALA A 33 -14.97 -4.48 25.64
CA ALA A 33 -14.53 -3.87 26.89
C ALA A 33 -13.14 -3.26 26.71
N ASP A 34 -12.80 -2.98 25.46
CA ASP A 34 -11.50 -2.42 25.12
C ASP A 34 -11.62 -0.98 24.59
N ASN A 35 -10.99 -0.03 25.29
CA ASN A 35 -11.00 1.37 24.90
C ASN A 35 -9.89 1.66 23.89
N ASP A 36 -9.05 0.65 23.69
CA ASP A 36 -7.99 0.75 22.69
C ASP A 36 -8.68 1.32 21.46
N LEU A 37 -10.00 1.12 21.43
CA LEU A 37 -10.89 1.60 20.34
C LEU A 37 -12.36 1.79 20.77
N ILE A 38 -13.08 0.70 21.23
CA ILE A 38 -14.52 0.71 21.59
C ILE A 38 -15.09 1.99 22.46
N PRO A 39 -15.40 2.04 23.76
CA PRO A 39 -16.07 3.29 24.50
C PRO A 39 -15.39 4.68 24.94
N ILE A 40 -15.90 4.89 26.18
CA ILE A 40 -15.50 5.85 27.24
C ILE A 40 -16.40 5.65 28.46
N SER A 41 -16.29 6.33 29.60
CA SER A 41 -17.09 5.41 30.39
C SER A 41 -16.93 5.27 31.89
N ALA A 42 -16.01 4.32 32.03
CA ALA A 42 -15.27 3.66 33.16
C ALA A 42 -16.02 3.32 34.41
N LYS A 43 -16.40 2.05 34.37
CA LYS A 43 -17.21 1.26 35.27
C LYS A 43 -18.65 1.71 35.07
N TYR A 44 -18.90 2.89 34.46
CA TYR A 44 -20.26 2.80 34.02
C TYR A 44 -20.09 1.99 32.76
N GLN A 45 -19.00 1.20 32.64
CA GLN A 45 -19.02 0.36 31.46
C GLN A 45 -18.54 -1.10 31.57
N LYS A 46 -18.63 -1.71 32.73
CA LYS A 46 -18.44 -3.17 32.80
C LYS A 46 -19.87 -3.46 32.66
N THR A 47 -20.54 -2.43 33.14
CA THR A 47 -21.88 -2.48 32.77
C THR A 47 -21.69 -2.34 31.19
N ILE A 48 -22.43 -1.38 30.46
CA ILE A 48 -22.54 -1.17 28.93
C ILE A 48 -21.84 -2.19 28.07
N ALA A 49 -20.75 -2.71 28.58
CA ALA A 49 -20.11 -3.75 27.85
C ALA A 49 -21.08 -4.91 27.70
N LYS A 50 -21.32 -5.65 28.77
CA LYS A 50 -22.25 -6.77 28.59
C LYS A 50 -23.61 -6.33 27.90
N TYR A 51 -24.25 -5.21 28.29
CA TYR A 51 -25.49 -4.83 27.56
C TYR A 51 -25.26 -5.01 26.03
N ILE A 52 -24.00 -5.09 25.51
CA ILE A 52 -23.64 -5.25 24.06
C ILE A 52 -23.30 -6.68 23.68
N ALA A 53 -22.69 -7.40 24.61
CA ALA A 53 -22.29 -8.78 24.42
C ALA A 53 -23.44 -9.76 24.23
N LYS A 54 -24.46 -9.69 25.08
CA LYS A 54 -25.61 -10.60 24.97
C LYS A 54 -26.37 -10.30 23.69
N PHE A 55 -26.44 -9.02 23.39
CA PHE A 55 -27.08 -8.56 22.17
C PHE A 55 -26.50 -9.31 21.00
N ARG A 56 -25.21 -9.10 20.79
CA ARG A 56 -24.44 -9.70 19.70
C ARG A 56 -24.18 -11.21 19.70
N THR A 57 -24.24 -11.86 20.84
CA THR A 57 -23.92 -13.30 20.92
C THR A 57 -24.66 -14.19 19.93
N PRO A 58 -26.00 -14.08 19.85
CA PRO A 58 -26.78 -14.91 18.93
C PRO A 58 -26.26 -14.97 17.48
N LYS A 59 -26.15 -13.81 16.84
CA LYS A 59 -25.66 -13.71 15.46
C LYS A 59 -24.36 -14.50 15.26
N ILE A 60 -23.35 -14.12 16.02
CA ILE A 60 -22.03 -14.74 15.95
C ILE A 60 -22.02 -16.25 16.19
N GLU A 61 -22.80 -16.72 17.16
CA GLU A 61 -22.83 -18.15 17.41
C GLU A 61 -23.34 -18.85 16.17
N LYS A 62 -24.28 -18.21 15.48
CA LYS A 62 -24.84 -18.81 14.28
C LYS A 62 -23.79 -18.91 13.18
N GLN A 63 -22.95 -17.89 13.07
CA GLN A 63 -21.91 -17.88 12.04
C GLN A 63 -20.92 -19.00 12.31
N TYR A 64 -20.52 -19.14 13.57
CA TYR A 64 -19.57 -20.17 13.91
C TYR A 64 -20.20 -21.53 13.75
N ARG A 65 -21.48 -21.61 14.06
CA ARG A 65 -22.23 -22.85 13.92
C ARG A 65 -22.15 -23.21 12.43
N GLU A 66 -22.28 -22.20 11.58
CA GLU A 66 -22.23 -22.38 10.13
C GLU A 66 -20.88 -22.82 9.59
N ILE A 67 -19.81 -22.62 10.35
CA ILE A 67 -18.50 -23.04 9.87
C ILE A 67 -17.92 -24.19 10.68
N GLY A 68 -18.77 -25.17 11.01
CA GLY A 68 -18.30 -26.31 11.77
C GLY A 68 -18.37 -26.07 13.27
N GLY A 69 -18.75 -24.85 13.65
CA GLY A 69 -18.85 -24.53 15.06
C GLY A 69 -17.50 -24.26 15.70
N GLY A 70 -16.99 -23.04 15.53
CA GLY A 70 -15.72 -22.69 16.13
C GLY A 70 -14.65 -22.14 15.21
N SER A 71 -13.79 -21.28 15.76
CA SER A 71 -12.70 -20.69 14.99
C SER A 71 -11.48 -21.58 15.15
N PRO A 72 -10.90 -22.01 14.01
CA PRO A 72 -9.71 -22.87 13.96
C PRO A 72 -8.45 -22.14 14.40
N ILE A 73 -8.55 -20.82 14.60
CA ILE A 73 -7.38 -20.04 14.98
C ILE A 73 -6.50 -20.66 16.05
N ARG A 74 -7.06 -20.94 17.22
CA ARG A 74 -6.28 -21.50 18.30
C ARG A 74 -5.64 -22.83 17.94
N LYS A 75 -6.40 -23.72 17.32
CA LYS A 75 -5.86 -25.03 16.92
C LYS A 75 -4.60 -24.73 16.11
N TRP A 76 -4.78 -24.08 14.96
CA TRP A 76 -3.65 -23.73 14.08
C TRP A 76 -2.51 -22.97 14.76
N SER A 77 -2.83 -21.98 15.60
CA SER A 77 -1.80 -21.22 16.28
C SER A 77 -0.88 -22.08 17.15
N GLU A 78 -1.46 -22.80 18.10
CA GLU A 78 -0.69 -23.66 19.00
C GLU A 78 0.16 -24.64 18.17
N TYR A 79 -0.34 -24.98 16.98
CA TYR A 79 0.36 -25.90 16.10
C TYR A 79 1.58 -25.20 15.51
N GLN A 80 1.34 -24.07 14.84
CA GLN A 80 2.44 -23.30 14.24
C GLN A 80 3.47 -22.99 15.33
N ALA A 81 2.98 -22.56 16.49
CA ALA A 81 3.84 -22.23 17.61
C ALA A 81 4.69 -23.43 18.04
N THR A 82 4.10 -24.62 17.99
CA THR A 82 4.83 -25.82 18.39
C THR A 82 5.89 -26.25 17.36
N GLU A 83 5.58 -26.11 16.08
CA GLU A 83 6.52 -26.50 15.03
C GLU A 83 7.70 -25.53 14.97
N VAL A 84 7.39 -24.25 15.11
CA VAL A 84 8.42 -23.24 15.06
C VAL A 84 9.36 -23.36 16.25
N CYS A 85 8.91 -24.02 17.30
CA CYS A 85 9.75 -24.20 18.48
C CYS A 85 10.65 -25.42 18.39
N LYS A 86 10.18 -26.46 17.68
CA LYS A 86 10.96 -27.67 17.52
C LYS A 86 12.16 -27.30 16.65
N ILE A 87 11.87 -26.55 15.59
CA ILE A 87 12.91 -26.10 14.66
C ILE A 87 13.86 -25.18 15.43
N LEU A 88 13.31 -24.21 16.16
CA LEU A 88 14.14 -23.31 16.92
C LEU A 88 15.09 -24.05 17.88
N ASP A 89 14.79 -25.32 18.18
CA ASP A 89 15.62 -26.10 19.08
C ASP A 89 16.91 -26.61 18.45
N LYS A 90 16.86 -26.97 17.17
CA LYS A 90 18.07 -27.42 16.51
C LYS A 90 18.77 -26.17 15.97
N THR A 91 17.96 -25.16 15.62
CA THR A 91 18.44 -23.91 15.06
C THR A 91 19.12 -22.94 16.02
N CYS A 92 18.47 -22.61 17.13
CA CYS A 92 19.04 -21.66 18.10
C CYS A 92 19.31 -22.29 19.45
N PRO A 93 20.37 -23.09 19.56
CA PRO A 93 20.72 -23.75 20.83
C PRO A 93 20.99 -22.85 22.04
N GLU A 94 21.56 -21.67 21.84
CA GLU A 94 21.84 -20.83 23.01
C GLU A 94 20.59 -20.25 23.64
N THR A 95 19.43 -20.61 23.09
CA THR A 95 18.16 -20.18 23.64
C THR A 95 17.41 -21.50 23.82
N ALA A 96 18.24 -22.52 23.99
CA ALA A 96 17.91 -23.92 24.21
C ALA A 96 16.46 -24.38 24.18
N PRO A 97 15.78 -24.44 25.35
CA PRO A 97 14.38 -24.90 25.28
C PRO A 97 13.45 -23.77 24.82
N HIS A 98 12.69 -24.02 23.78
CA HIS A 98 11.76 -23.03 23.29
C HIS A 98 10.38 -23.65 23.47
N LYS A 99 9.56 -23.03 24.32
CA LYS A 99 8.22 -23.55 24.59
C LYS A 99 7.13 -22.77 23.91
N PRO A 100 6.20 -23.48 23.25
CA PRO A 100 5.04 -22.96 22.51
C PRO A 100 3.99 -22.31 23.39
N TYR A 101 3.70 -21.05 23.11
CA TYR A 101 2.70 -20.29 23.86
C TYR A 101 1.90 -19.42 22.88
N VAL A 102 0.60 -19.30 23.11
CA VAL A 102 -0.25 -18.48 22.27
C VAL A 102 -0.97 -17.55 23.22
N ALA A 103 -1.01 -16.27 22.89
CA ALA A 103 -1.70 -15.30 23.74
C ALA A 103 -2.63 -14.45 22.88
N PHE A 104 -3.91 -14.78 22.91
CA PHE A 104 -4.88 -14.04 22.12
C PHE A 104 -5.42 -12.82 22.86
N ARG A 105 -5.77 -11.81 22.09
CA ARG A 105 -6.26 -10.54 22.63
C ARG A 105 -7.68 -10.61 23.15
N TYR A 106 -8.53 -11.37 22.47
CA TYR A 106 -9.92 -11.49 22.90
C TYR A 106 -10.35 -12.92 23.20
N ALA A 107 -9.84 -13.88 22.43
CA ALA A 107 -10.19 -15.28 22.65
C ALA A 107 -9.36 -15.83 23.81
N LYS A 108 -9.59 -17.08 24.16
CA LYS A 108 -8.87 -17.70 25.26
C LYS A 108 -7.74 -18.52 24.66
N PRO A 109 -6.55 -18.51 25.29
CA PRO A 109 -6.07 -17.82 26.50
C PRO A 109 -5.73 -16.37 26.26
N LEU A 110 -6.24 -15.49 27.10
CA LEU A 110 -5.92 -14.09 26.95
C LEU A 110 -4.47 -13.95 27.41
N THR A 111 -3.92 -12.74 27.28
CA THR A 111 -2.54 -12.46 27.68
C THR A 111 -2.26 -12.84 29.14
N ALA A 112 -3.12 -12.38 30.05
CA ALA A 112 -2.94 -12.67 31.49
C ALA A 112 -2.85 -14.17 31.78
N GLU A 113 -3.77 -14.95 31.20
CA GLU A 113 -3.74 -16.39 31.44
C GLU A 113 -2.40 -16.98 31.04
N THR A 114 -1.94 -16.65 29.83
CA THR A 114 -0.67 -17.16 29.33
C THR A 114 0.50 -16.66 30.18
N TYR A 115 0.50 -15.37 30.49
CA TYR A 115 1.56 -14.80 31.29
C TYR A 115 1.73 -15.59 32.60
N LYS A 116 0.61 -15.92 33.23
CA LYS A 116 0.61 -16.68 34.48
C LYS A 116 1.31 -18.01 34.25
N GLN A 117 0.87 -18.72 33.22
CA GLN A 117 1.43 -20.01 32.87
C GLN A 117 2.92 -19.92 32.59
N MET A 118 3.34 -18.85 31.89
CA MET A 118 4.75 -18.64 31.55
C MET A 118 5.61 -18.55 32.80
N LEU A 119 5.28 -17.62 33.71
CA LEU A 119 6.03 -17.45 34.96
C LEU A 119 6.12 -18.78 35.74
N LYS A 120 5.00 -19.50 35.81
CA LYS A 120 4.98 -20.75 36.54
C LYS A 120 5.69 -21.85 35.74
N ASP A 121 6.36 -21.42 34.68
CA ASP A 121 7.13 -22.34 33.87
C ASP A 121 8.54 -21.82 33.93
N GLY A 122 8.72 -20.78 34.74
CA GLY A 122 10.02 -20.16 34.92
C GLY A 122 10.64 -19.63 33.65
N VAL A 123 9.92 -18.76 32.94
CA VAL A 123 10.43 -18.21 31.69
C VAL A 123 11.29 -16.97 31.91
N LYS A 124 12.50 -17.01 31.34
CA LYS A 124 13.43 -15.89 31.45
C LYS A 124 13.23 -14.93 30.27
N LYS A 125 13.38 -15.47 29.05
CA LYS A 125 13.23 -14.70 27.81
C LYS A 125 11.95 -15.03 27.06
N ALA A 126 11.32 -14.00 26.51
CA ALA A 126 10.08 -14.20 25.79
C ALA A 126 10.04 -13.35 24.55
N VAL A 127 9.52 -13.93 23.48
CA VAL A 127 9.39 -13.22 22.24
C VAL A 127 7.91 -13.12 21.89
N ALA A 128 7.43 -11.88 21.87
CA ALA A 128 6.05 -11.62 21.50
C ALA A 128 6.05 -11.69 19.97
N PHE A 129 5.73 -12.86 19.45
CA PHE A 129 5.71 -13.04 18.00
C PHE A 129 4.30 -12.81 17.48
N SER A 130 4.04 -11.60 17.03
CA SER A 130 2.72 -11.24 16.51
C SER A 130 2.49 -11.93 15.18
N GLN A 131 1.37 -12.62 15.06
CA GLN A 131 1.05 -13.35 13.84
C GLN A 131 0.53 -12.51 12.70
N TYR A 132 0.48 -11.18 12.88
CA TYR A 132 0.04 -10.30 11.82
C TYR A 132 1.33 -9.78 11.16
N PRO A 133 1.64 -10.27 9.94
CA PRO A 133 2.85 -9.85 9.22
C PRO A 133 2.80 -8.35 8.98
N HIS A 134 1.58 -7.83 8.92
CA HIS A 134 1.34 -6.42 8.68
C HIS A 134 0.91 -5.75 9.98
N PHE A 135 1.74 -4.84 10.46
CA PHE A 135 1.46 -4.14 11.70
C PHE A 135 0.37 -3.07 11.60
N SER A 136 -0.58 -3.14 12.51
CA SER A 136 -1.65 -2.17 12.57
C SER A 136 -1.79 -1.88 14.06
N TYR A 137 -1.85 -0.60 14.41
CA TYR A 137 -1.98 -0.26 15.81
C TYR A 137 -3.22 -0.91 16.39
N SER A 138 -4.18 -1.28 15.53
CA SER A 138 -5.43 -1.92 15.95
C SER A 138 -5.30 -3.42 16.16
N THR A 139 -4.20 -4.02 15.69
CA THR A 139 -3.98 -5.44 15.86
C THR A 139 -2.70 -5.69 16.67
N THR A 140 -1.57 -5.70 15.98
CA THR A 140 -0.30 -5.92 16.64
C THR A 140 -0.07 -4.86 17.73
N GLY A 141 -0.81 -3.76 17.66
CA GLY A 141 -0.65 -2.71 18.64
C GLY A 141 -1.38 -3.00 19.94
N SER A 142 -2.63 -3.49 19.83
CA SER A 142 -3.41 -3.78 21.01
C SER A 142 -2.75 -4.89 21.82
N SER A 143 -2.10 -5.84 21.17
CA SER A 143 -1.43 -6.92 21.88
C SER A 143 -0.30 -6.35 22.75
N ILE A 144 0.43 -5.39 22.19
CA ILE A 144 1.52 -4.76 22.91
C ILE A 144 1.00 -3.96 24.09
N ASN A 145 0.01 -3.11 23.86
CA ASN A 145 -0.53 -2.31 24.96
C ASN A 145 -1.06 -3.21 26.05
N GLU A 146 -1.54 -4.39 25.66
CA GLU A 146 -2.06 -5.35 26.64
C GLU A 146 -0.87 -5.98 27.35
N LEU A 147 0.07 -6.52 26.57
CA LEU A 147 1.25 -7.14 27.15
C LEU A 147 1.81 -6.23 28.25
N TRP A 148 1.90 -4.94 27.97
CA TRP A 148 2.42 -3.95 28.92
C TRP A 148 1.69 -4.07 30.26
N ARG A 149 0.36 -3.98 30.21
CA ARG A 149 -0.48 -4.09 31.40
C ARG A 149 -0.24 -5.42 32.12
N GLN A 150 -0.26 -6.54 31.41
CA GLN A 150 -0.07 -7.82 32.06
C GLN A 150 1.31 -7.91 32.70
N ILE A 151 2.28 -7.23 32.11
CA ILE A 151 3.62 -7.22 32.65
C ILE A 151 3.51 -6.52 34.00
N LYS A 152 3.02 -5.28 33.98
CA LYS A 152 2.85 -4.48 35.20
C LYS A 152 1.98 -5.18 36.25
N ALA A 153 0.96 -5.92 35.80
CA ALA A 153 0.07 -6.60 36.72
C ALA A 153 0.64 -7.88 37.34
N LEU A 154 1.00 -8.84 36.50
CA LEU A 154 1.50 -10.13 36.98
C LEU A 154 3.00 -10.23 37.13
N ASP A 155 3.72 -9.14 36.86
CA ASP A 155 5.16 -9.23 36.95
C ASP A 155 5.90 -7.91 37.07
N SER A 156 5.56 -7.09 38.07
CA SER A 156 6.29 -5.83 38.27
C SER A 156 7.64 -6.37 38.69
N GLU A 157 8.68 -5.54 38.72
CA GLU A 157 10.01 -6.04 39.07
C GLU A 157 10.28 -7.30 38.22
N ARG A 158 9.87 -7.16 36.97
CA ARG A 158 9.94 -8.13 35.88
C ARG A 158 10.96 -9.26 35.81
N SER A 159 10.47 -10.50 35.99
CA SER A 159 11.32 -11.68 35.93
C SER A 159 11.47 -12.13 34.49
N ILE A 160 10.67 -11.54 33.60
CA ILE A 160 10.72 -11.87 32.18
C ILE A 160 11.20 -10.71 31.32
N SER A 161 12.06 -11.04 30.37
CA SER A 161 12.60 -10.06 29.46
C SER A 161 11.99 -10.25 28.08
N TRP A 162 11.11 -9.32 27.70
CA TRP A 162 10.41 -9.39 26.42
C TRP A 162 11.00 -8.61 25.26
N SER A 163 10.90 -9.19 24.07
CA SER A 163 11.32 -8.59 22.80
C SER A 163 10.12 -8.89 21.91
N VAL A 164 9.93 -8.15 20.84
CA VAL A 164 8.76 -8.38 20.00
C VAL A 164 9.02 -8.32 18.50
N ILE A 165 8.34 -9.19 17.76
CA ILE A 165 8.46 -9.22 16.31
C ILE A 165 7.17 -8.58 15.80
N ASP A 166 7.18 -7.25 15.70
CA ASP A 166 6.01 -6.50 15.28
C ASP A 166 5.60 -6.55 13.80
N ARG A 167 6.45 -7.12 12.94
CA ARG A 167 6.09 -7.23 11.51
C ARG A 167 7.08 -8.03 10.70
N TRP A 168 6.57 -8.65 9.63
CA TRP A 168 7.39 -9.48 8.75
C TRP A 168 6.65 -9.59 7.43
N PRO A 169 6.40 -8.45 6.77
CA PRO A 169 5.68 -8.42 5.49
C PRO A 169 6.31 -9.11 4.29
N THR A 170 7.62 -9.23 4.25
CA THR A 170 8.23 -9.90 3.11
C THR A 170 9.20 -11.03 3.48
N ASN A 171 8.89 -11.73 4.58
CA ASN A 171 9.68 -12.86 5.05
C ASN A 171 9.64 -13.86 3.89
N GLU A 172 10.79 -14.40 3.48
CA GLU A 172 10.84 -15.36 2.35
C GLU A 172 9.81 -16.49 2.41
N GLY A 173 9.75 -17.19 3.55
CA GLY A 173 8.81 -18.28 3.70
C GLY A 173 7.42 -17.81 3.40
N LEU A 174 7.04 -16.68 3.99
CA LEU A 174 5.72 -16.13 3.77
C LEU A 174 5.43 -15.97 2.27
N ILE A 175 6.33 -15.29 1.57
CA ILE A 175 6.14 -15.04 0.15
C ILE A 175 6.12 -16.32 -0.65
N LYS A 176 7.05 -17.23 -0.39
CA LYS A 176 7.08 -18.51 -1.13
C LYS A 176 5.80 -19.30 -0.89
N ALA A 177 5.39 -19.36 0.38
CA ALA A 177 4.19 -20.07 0.79
C ALA A 177 2.97 -19.57 0.02
N PHE A 178 2.77 -18.25 -0.01
CA PHE A 178 1.64 -17.69 -0.74
C PHE A 178 1.74 -18.05 -2.21
N SER A 179 2.92 -17.88 -2.81
CA SER A 179 3.08 -18.31 -4.18
C SER A 179 2.98 -19.81 -3.92
N GLU A 180 3.04 -20.65 -4.93
CA GLU A 180 2.90 -22.08 -4.65
C GLU A 180 1.44 -22.35 -4.31
N ASN A 181 0.95 -21.84 -3.19
CA ASN A 181 -0.46 -22.03 -2.82
C ASN A 181 -1.38 -21.43 -3.88
N ILE A 182 -0.92 -20.32 -4.47
CA ILE A 182 -1.65 -19.61 -5.50
C ILE A 182 -1.53 -20.29 -6.85
N THR A 183 -0.34 -20.79 -7.16
CA THR A 183 -0.17 -21.47 -8.44
C THR A 183 -0.90 -22.81 -8.29
N LYS A 184 -0.72 -23.43 -7.14
CA LYS A 184 -1.36 -24.69 -6.85
C LYS A 184 -2.85 -24.54 -7.07
N LYS A 185 -3.42 -23.43 -6.61
CA LYS A 185 -4.85 -23.21 -6.78
C LYS A 185 -5.23 -22.74 -8.19
N LEU A 186 -4.29 -22.12 -8.90
CA LEU A 186 -4.54 -21.65 -10.25
C LEU A 186 -4.65 -22.83 -11.17
N GLN A 187 -3.82 -23.83 -10.91
CA GLN A 187 -3.80 -25.03 -11.72
C GLN A 187 -5.16 -25.70 -11.79
N GLU A 188 -5.99 -25.53 -10.76
CA GLU A 188 -7.31 -26.15 -10.81
C GLU A 188 -8.34 -25.23 -11.46
N PHE A 189 -7.87 -24.56 -12.51
CA PHE A 189 -8.66 -23.66 -13.34
C PHE A 189 -8.45 -24.16 -14.77
N PRO A 190 -9.49 -24.07 -15.62
CA PRO A 190 -9.43 -24.53 -17.01
C PRO A 190 -8.04 -24.64 -17.66
N GLN A 191 -7.42 -23.52 -18.01
CA GLN A 191 -6.09 -23.49 -18.65
C GLN A 191 -6.15 -22.52 -19.80
N PRO A 192 -7.16 -22.68 -20.66
CA PRO A 192 -7.27 -21.75 -21.78
C PRO A 192 -7.59 -20.38 -21.18
N VAL A 193 -7.67 -20.32 -19.86
CA VAL A 193 -8.01 -19.09 -19.15
C VAL A 193 -7.28 -18.92 -17.81
N ARG A 194 -6.32 -19.79 -17.54
CA ARG A 194 -5.58 -19.75 -16.29
C ARG A 194 -4.78 -18.47 -16.06
N ASP A 195 -4.26 -17.86 -17.11
CA ASP A 195 -3.48 -16.63 -16.94
C ASP A 195 -4.32 -15.39 -16.93
N LYS A 196 -5.63 -15.55 -17.10
CA LYS A 196 -6.55 -14.42 -17.11
C LYS A 196 -7.39 -14.38 -15.85
N VAL A 197 -7.09 -15.26 -14.89
CA VAL A 197 -7.80 -15.28 -13.63
C VAL A 197 -7.24 -14.14 -12.82
N VAL A 198 -8.10 -13.29 -12.29
CA VAL A 198 -7.65 -12.18 -11.49
C VAL A 198 -7.44 -12.60 -10.04
N LEU A 199 -6.26 -12.28 -9.52
CA LEU A 199 -5.88 -12.60 -8.15
C LEU A 199 -6.28 -11.45 -7.23
N LEU A 200 -7.28 -11.70 -6.40
CA LEU A 200 -7.74 -10.69 -5.46
C LEU A 200 -7.19 -10.92 -4.05
N PHE A 201 -6.13 -10.19 -3.70
CA PHE A 201 -5.55 -10.32 -2.37
C PHE A 201 -6.54 -9.57 -1.50
N SER A 202 -7.12 -10.24 -0.51
CA SER A 202 -8.12 -9.61 0.35
C SER A 202 -7.80 -9.61 1.84
N ALA A 203 -7.41 -8.43 2.33
CA ALA A 203 -7.05 -8.18 3.72
C ALA A 203 -8.20 -7.52 4.50
N HIS A 204 -8.24 -7.75 5.82
CA HIS A 204 -9.26 -7.16 6.68
C HIS A 204 -9.07 -5.66 6.51
N SER A 205 -10.17 -4.93 6.32
CA SER A 205 -10.10 -3.49 6.11
C SER A 205 -9.88 -2.72 7.42
N LEU A 206 -9.65 -1.41 7.33
CA LEU A 206 -9.48 -0.55 8.50
C LEU A 206 -10.37 0.67 8.33
N PRO A 207 -10.91 1.19 9.44
CA PRO A 207 -11.77 2.38 9.36
C PRO A 207 -10.92 3.55 8.89
N MET A 208 -11.49 4.42 8.07
CA MET A 208 -10.71 5.54 7.55
C MET A 208 -10.08 6.40 8.64
N ASP A 209 -10.77 6.59 9.76
CA ASP A 209 -10.19 7.41 10.82
C ASP A 209 -9.11 6.66 11.59
N VAL A 210 -8.62 5.58 10.99
CA VAL A 210 -7.54 4.79 11.57
C VAL A 210 -6.47 4.79 10.50
N VAL A 211 -6.91 4.69 9.26
CA VAL A 211 -6.00 4.72 8.14
C VAL A 211 -5.35 6.10 8.09
N ASN A 212 -6.19 7.13 8.12
CA ASN A 212 -5.76 8.53 8.08
C ASN A 212 -4.85 8.91 9.26
N THR A 213 -4.86 8.05 10.27
CA THR A 213 -4.06 8.22 11.48
C THR A 213 -2.57 8.09 11.13
N GLY A 214 -2.30 7.45 9.99
CA GLY A 214 -0.93 7.20 9.55
C GLY A 214 -0.55 5.76 9.86
N ASP A 215 -1.54 4.89 10.03
CA ASP A 215 -1.30 3.50 10.36
C ASP A 215 -0.37 2.84 9.34
N ALA A 216 0.43 1.88 9.78
CA ALA A 216 1.35 1.21 8.86
C ALA A 216 0.74 0.01 8.13
N TYR A 217 -0.45 -0.40 8.53
CA TYR A 217 -1.11 -1.55 7.92
C TYR A 217 -1.31 -1.54 6.39
N PRO A 218 -2.09 -0.58 5.86
CA PRO A 218 -2.33 -0.52 4.41
C PRO A 218 -1.10 -0.72 3.50
N ALA A 219 -0.03 0.05 3.72
CA ALA A 219 1.16 -0.07 2.87
C ALA A 219 1.94 -1.38 3.02
N GLU A 220 2.02 -1.92 4.23
CA GLU A 220 2.75 -3.17 4.42
C GLU A 220 2.08 -4.30 3.64
N VAL A 221 0.77 -4.46 3.84
CA VAL A 221 0.00 -5.50 3.13
C VAL A 221 0.36 -5.36 1.65
N ALA A 222 0.37 -4.13 1.17
CA ALA A 222 0.69 -3.84 -0.21
C ALA A 222 2.10 -4.35 -0.61
N ALA A 223 3.08 -4.23 0.30
CA ALA A 223 4.43 -4.69 -0.01
C ALA A 223 4.43 -6.20 -0.22
N THR A 224 3.67 -6.93 0.61
CA THR A 224 3.60 -8.38 0.49
C THR A 224 3.02 -8.76 -0.86
N VAL A 225 1.90 -8.14 -1.19
CA VAL A 225 1.25 -8.38 -2.46
C VAL A 225 2.21 -8.20 -3.65
N TYR A 226 2.93 -7.09 -3.68
CA TYR A 226 3.83 -6.85 -4.80
C TYR A 226 4.94 -7.88 -4.84
N ASN A 227 5.35 -8.35 -3.66
CA ASN A 227 6.43 -9.34 -3.55
C ASN A 227 6.02 -10.68 -4.12
N ILE A 228 4.80 -11.10 -3.81
CA ILE A 228 4.30 -12.36 -4.31
C ILE A 228 4.17 -12.27 -5.84
N MET A 229 3.68 -11.13 -6.32
CA MET A 229 3.53 -10.93 -7.76
C MET A 229 4.88 -10.98 -8.48
N GLN A 230 5.92 -10.43 -7.86
CA GLN A 230 7.25 -10.48 -8.47
C GLN A 230 7.66 -11.95 -8.61
N LYS A 231 7.39 -12.73 -7.56
CA LYS A 231 7.69 -14.16 -7.54
C LYS A 231 6.98 -14.91 -8.64
N LEU A 232 5.72 -14.56 -8.87
CA LEU A 232 4.94 -15.21 -9.90
C LEU A 232 5.16 -14.53 -11.24
N LYS A 233 6.18 -13.68 -11.32
CA LYS A 233 6.50 -12.97 -12.56
C LYS A 233 5.24 -12.37 -13.21
N PHE A 234 4.50 -11.60 -12.42
CA PHE A 234 3.27 -10.92 -12.86
C PHE A 234 2.55 -11.61 -14.02
N LYS A 235 2.28 -12.89 -13.86
CA LYS A 235 1.63 -13.66 -14.91
C LYS A 235 0.13 -13.37 -14.99
N ASN A 236 -0.50 -13.09 -13.86
CA ASN A 236 -1.93 -12.81 -13.81
C ASN A 236 -2.24 -11.40 -13.34
N PRO A 237 -3.46 -10.92 -13.60
CA PRO A 237 -3.84 -9.57 -13.18
C PRO A 237 -4.08 -9.70 -11.70
N TYR A 238 -3.82 -8.65 -10.93
CA TYR A 238 -4.06 -8.74 -9.50
C TYR A 238 -4.59 -7.41 -8.92
N ARG A 239 -5.03 -7.44 -7.67
CA ARG A 239 -5.55 -6.24 -7.04
C ARG A 239 -5.72 -6.46 -5.54
N LEU A 240 -5.40 -5.44 -4.75
CA LEU A 240 -5.52 -5.52 -3.30
C LEU A 240 -6.84 -4.89 -2.89
N VAL A 241 -7.71 -5.72 -2.33
CA VAL A 241 -9.02 -5.29 -1.90
C VAL A 241 -9.22 -5.61 -0.44
N TRP A 242 -10.24 -5.02 0.17
CA TRP A 242 -10.47 -5.18 1.60
C TRP A 242 -11.83 -5.71 1.96
N GLN A 243 -11.88 -6.47 3.05
CA GLN A 243 -13.11 -7.06 3.53
C GLN A 243 -13.27 -6.86 5.02
N SER A 244 -14.38 -7.39 5.54
CA SER A 244 -14.72 -7.33 6.96
C SER A 244 -15.21 -5.99 7.50
N GLN A 245 -15.32 -4.99 6.63
CA GLN A 245 -15.81 -3.70 7.10
C GLN A 245 -17.26 -3.83 7.55
N VAL A 246 -17.63 -3.09 8.58
CA VAL A 246 -19.00 -3.14 9.10
C VAL A 246 -19.33 -1.82 9.76
N GLY A 247 -20.63 -1.50 9.84
CA GLY A 247 -21.03 -0.26 10.46
C GLY A 247 -21.34 0.84 9.47
N PRO A 248 -21.55 2.07 9.97
CA PRO A 248 -21.87 3.23 9.11
C PRO A 248 -20.63 3.99 8.65
N LYS A 249 -19.60 4.03 9.51
CA LYS A 249 -18.35 4.73 9.23
C LYS A 249 -17.68 4.38 7.89
N PRO A 250 -16.81 5.26 7.40
CA PRO A 250 -16.09 5.04 6.14
C PRO A 250 -14.95 4.04 6.33
N TRP A 251 -14.76 3.12 5.38
CA TRP A 251 -13.70 2.11 5.52
C TRP A 251 -12.79 2.05 4.31
N LEU A 252 -11.57 1.53 4.53
CA LEU A 252 -10.63 1.43 3.44
C LEU A 252 -11.27 0.76 2.24
N GLY A 253 -11.43 1.58 1.20
CA GLY A 253 -12.06 1.18 -0.03
C GLY A 253 -11.50 0.10 -0.91
N ALA A 254 -12.41 -0.32 -1.80
CA ALA A 254 -12.24 -1.38 -2.76
C ALA A 254 -12.61 -2.54 -1.86
N GLN A 255 -13.91 -2.75 -1.71
CA GLN A 255 -14.42 -3.83 -0.87
C GLN A 255 -14.43 -5.14 -1.65
N THR A 256 -13.90 -6.21 -1.06
CA THR A 256 -13.83 -7.50 -1.72
C THR A 256 -15.13 -8.00 -2.35
N ALA A 257 -16.22 -8.01 -1.57
CA ALA A 257 -17.51 -8.48 -2.08
C ALA A 257 -18.00 -7.60 -3.23
N GLU A 258 -18.00 -6.31 -3.00
CA GLU A 258 -18.45 -5.35 -3.99
C GLU A 258 -17.75 -5.52 -5.34
N ILE A 259 -16.42 -5.66 -5.30
CA ILE A 259 -15.65 -5.82 -6.52
C ILE A 259 -15.82 -7.21 -7.12
N ALA A 260 -16.11 -8.19 -6.27
CA ALA A 260 -16.31 -9.55 -6.73
C ALA A 260 -17.55 -9.56 -7.65
N GLU A 261 -18.66 -9.07 -7.13
CA GLU A 261 -19.90 -9.01 -7.89
C GLU A 261 -19.80 -8.16 -9.14
N PHE A 262 -19.01 -7.09 -9.07
CA PHE A 262 -18.83 -6.20 -10.21
C PHE A 262 -18.13 -6.89 -11.37
N LEU A 263 -17.00 -7.53 -11.08
CA LEU A 263 -16.20 -8.22 -12.06
C LEU A 263 -16.75 -9.59 -12.41
N GLY A 264 -17.54 -10.15 -11.50
CA GLY A 264 -18.13 -11.46 -11.71
C GLY A 264 -18.58 -11.81 -13.12
N PRO A 265 -19.29 -10.90 -13.82
CA PRO A 265 -19.74 -11.21 -15.19
C PRO A 265 -18.64 -11.11 -16.25
N LYS A 266 -17.92 -10.00 -16.28
CA LYS A 266 -16.89 -9.76 -17.28
C LYS A 266 -15.57 -10.54 -17.14
N VAL A 267 -15.49 -11.43 -16.16
CA VAL A 267 -14.26 -12.20 -15.95
C VAL A 267 -14.58 -13.68 -16.04
N ASP A 268 -13.58 -14.49 -16.35
CA ASP A 268 -13.84 -15.92 -16.38
C ASP A 268 -13.11 -16.64 -15.25
N GLY A 269 -12.51 -15.87 -14.34
CA GLY A 269 -11.80 -16.44 -13.20
C GLY A 269 -11.40 -15.43 -12.13
N LEU A 270 -11.66 -15.76 -10.88
CA LEU A 270 -11.35 -14.87 -9.76
C LEU A 270 -10.80 -15.67 -8.58
N MET A 271 -9.66 -15.26 -8.04
CA MET A 271 -9.11 -15.98 -6.88
C MET A 271 -8.92 -15.04 -5.69
N PHE A 272 -9.44 -15.43 -4.52
CA PHE A 272 -9.30 -14.61 -3.32
C PHE A 272 -8.14 -15.15 -2.50
N ILE A 273 -7.32 -14.27 -1.95
CA ILE A 273 -6.16 -14.70 -1.19
C ILE A 273 -6.14 -14.06 0.22
N PRO A 274 -6.01 -14.88 1.29
CA PRO A 274 -5.97 -14.45 2.71
C PRO A 274 -4.65 -13.77 3.03
N ILE A 275 -4.33 -12.75 2.23
CA ILE A 275 -3.08 -12.03 2.38
C ILE A 275 -2.70 -11.51 3.77
N ALA A 276 -3.67 -11.08 4.58
CA ALA A 276 -3.30 -10.52 5.87
C ALA A 276 -3.34 -11.42 7.10
N PHE A 277 -3.67 -12.69 6.94
CA PHE A 277 -3.72 -13.59 8.10
C PHE A 277 -3.06 -14.90 7.76
N THR A 278 -2.64 -15.66 8.78
CA THR A 278 -1.93 -16.92 8.50
C THR A 278 -2.60 -18.28 8.80
N SER A 279 -3.92 -18.30 8.88
CA SER A 279 -4.62 -19.56 9.11
C SER A 279 -6.07 -19.30 8.75
N ASP A 280 -6.89 -20.35 8.75
CA ASP A 280 -8.28 -20.12 8.45
C ASP A 280 -8.95 -19.55 9.68
N HIS A 281 -10.03 -18.82 9.46
CA HIS A 281 -10.81 -18.23 10.56
C HIS A 281 -12.11 -17.69 9.99
N ILE A 282 -12.88 -17.02 10.84
CA ILE A 282 -14.17 -16.51 10.40
C ILE A 282 -14.14 -15.81 9.03
N GLU A 283 -13.06 -15.08 8.79
CA GLU A 283 -12.87 -14.34 7.54
C GLU A 283 -12.82 -15.14 6.25
N THR A 284 -12.13 -16.28 6.29
CA THR A 284 -12.02 -17.11 5.08
C THR A 284 -13.17 -18.08 5.01
N LEU A 285 -13.33 -18.86 6.07
CA LEU A 285 -14.37 -19.88 6.14
C LEU A 285 -15.79 -19.35 6.02
N HIS A 286 -16.09 -18.22 6.66
CA HIS A 286 -17.44 -17.71 6.57
C HIS A 286 -17.63 -16.56 5.58
N GLU A 287 -16.87 -15.48 5.75
CA GLU A 287 -17.04 -14.32 4.87
C GLU A 287 -16.79 -14.60 3.38
N ILE A 288 -15.71 -15.30 3.08
CA ILE A 288 -15.37 -15.58 1.70
C ILE A 288 -16.02 -16.85 1.16
N ASP A 289 -15.80 -17.95 1.85
CA ASP A 289 -16.33 -19.22 1.38
C ASP A 289 -17.85 -19.25 1.35
N LEU A 290 -18.51 -18.82 2.42
CA LEU A 290 -19.96 -18.82 2.43
C LEU A 290 -20.54 -17.54 1.83
N GLY A 291 -19.83 -16.43 1.99
CA GLY A 291 -20.31 -15.17 1.47
C GLY A 291 -19.98 -14.88 0.01
N VAL A 292 -18.85 -14.22 -0.18
CA VAL A 292 -18.41 -13.86 -1.52
C VAL A 292 -18.57 -14.99 -2.53
N ILE A 293 -18.11 -16.20 -2.20
CA ILE A 293 -18.22 -17.33 -3.11
C ILE A 293 -19.56 -18.02 -2.97
N GLY A 294 -19.85 -18.46 -1.76
CA GLY A 294 -21.09 -19.14 -1.46
C GLY A 294 -22.34 -18.60 -2.12
N GLU A 295 -22.72 -17.37 -1.80
CA GLU A 295 -23.95 -16.81 -2.35
C GLU A 295 -23.87 -16.06 -3.69
N SER A 296 -22.80 -16.24 -4.45
CA SER A 296 -22.68 -15.55 -5.75
C SER A 296 -23.09 -16.45 -6.90
N GLU A 297 -23.71 -15.88 -7.93
CA GLU A 297 -24.12 -16.69 -9.06
C GLU A 297 -22.89 -17.04 -9.88
N TYR A 298 -21.73 -16.62 -9.40
CA TYR A 298 -20.48 -16.89 -10.11
C TYR A 298 -19.61 -17.92 -9.39
N LYS A 299 -20.23 -18.56 -8.40
CA LYS A 299 -19.66 -19.59 -7.55
C LYS A 299 -18.59 -20.42 -8.25
N ASP A 300 -18.84 -20.71 -9.53
CA ASP A 300 -17.96 -21.51 -10.36
C ASP A 300 -16.61 -20.90 -10.66
N LYS A 301 -16.60 -19.66 -11.16
CA LYS A 301 -15.33 -19.03 -11.48
C LYS A 301 -14.66 -18.29 -10.32
N PHE A 302 -15.07 -18.62 -9.09
CA PHE A 302 -14.50 -18.03 -7.87
C PHE A 302 -13.92 -19.14 -7.01
N LYS A 303 -12.64 -19.02 -6.66
CA LYS A 303 -11.98 -20.00 -5.80
C LYS A 303 -11.11 -19.25 -4.81
N ARG A 304 -10.90 -19.84 -3.64
CA ARG A 304 -10.04 -19.19 -2.66
C ARG A 304 -8.74 -19.95 -2.50
N CYS A 305 -7.65 -19.20 -2.42
CA CYS A 305 -6.34 -19.79 -2.25
C CYS A 305 -6.34 -20.26 -0.81
N GLU A 306 -5.88 -21.49 -0.61
CA GLU A 306 -5.82 -22.09 0.71
C GLU A 306 -5.02 -21.23 1.69
N SER A 307 -5.50 -21.12 2.92
CA SER A 307 -4.80 -20.36 3.95
C SER A 307 -3.47 -21.03 4.26
N LEU A 308 -2.50 -20.27 4.76
CA LEU A 308 -1.19 -20.85 5.06
C LEU A 308 -1.31 -22.10 5.94
N ASN A 309 -1.99 -21.92 7.08
CA ASN A 309 -2.22 -22.98 8.07
C ASN A 309 -0.95 -23.70 8.50
N GLY A 310 -0.88 -24.99 8.18
CA GLY A 310 0.27 -25.79 8.55
C GLY A 310 1.40 -25.86 7.53
N ASN A 311 1.26 -25.15 6.41
CA ASN A 311 2.27 -25.11 5.36
C ASN A 311 3.70 -25.11 5.96
N GLN A 312 4.47 -26.15 5.62
CA GLN A 312 5.83 -26.29 6.13
C GLN A 312 6.74 -25.11 5.73
N THR A 313 6.78 -24.79 4.44
CA THR A 313 7.59 -23.68 3.95
C THR A 313 7.34 -22.43 4.79
N PHE A 314 6.07 -22.20 5.07
CA PHE A 314 5.65 -21.06 5.88
C PHE A 314 6.14 -21.18 7.31
N ILE A 315 6.13 -22.41 7.84
CA ILE A 315 6.59 -22.61 9.22
C ILE A 315 8.08 -22.25 9.28
N GLU A 316 8.86 -22.86 8.38
CA GLU A 316 10.28 -22.60 8.32
C GLU A 316 10.55 -21.09 8.18
N GLY A 317 9.66 -20.41 7.47
CA GLY A 317 9.82 -18.97 7.30
C GLY A 317 9.79 -18.31 8.66
N MET A 318 8.81 -18.69 9.47
CA MET A 318 8.67 -18.13 10.81
C MET A 318 9.87 -18.47 11.68
N ALA A 319 10.36 -19.70 11.56
CA ALA A 319 11.52 -20.10 12.33
C ALA A 319 12.66 -19.17 11.92
N ASP A 320 12.87 -19.04 10.61
CA ASP A 320 13.93 -18.17 10.11
C ASP A 320 13.76 -16.81 10.76
N LEU A 321 12.52 -16.33 10.81
CA LEU A 321 12.23 -15.03 11.39
C LEU A 321 12.65 -14.96 12.84
N VAL A 322 12.02 -15.77 13.68
CA VAL A 322 12.35 -15.75 15.11
C VAL A 322 13.84 -15.89 15.36
N LYS A 323 14.52 -16.75 14.59
CA LYS A 323 15.96 -16.91 14.78
C LYS A 323 16.70 -15.60 14.47
N SER A 324 16.33 -14.91 13.40
CA SER A 324 16.99 -13.66 13.05
C SER A 324 16.70 -12.62 14.12
N HIS A 325 15.47 -12.64 14.62
CA HIS A 325 15.06 -11.69 15.65
C HIS A 325 15.88 -11.92 16.92
N LEU A 326 16.02 -13.17 17.30
CA LEU A 326 16.76 -13.50 18.50
C LEU A 326 18.19 -13.01 18.41
N GLN A 327 18.93 -13.52 17.43
CA GLN A 327 20.32 -13.13 17.24
C GLN A 327 20.62 -11.68 16.83
N SER A 328 19.59 -10.84 16.69
CA SER A 328 19.83 -9.46 16.29
C SER A 328 19.88 -8.53 17.48
N ASN A 329 19.38 -9.00 18.62
CA ASN A 329 19.41 -8.20 19.83
C ASN A 329 18.54 -6.95 19.82
N GLN A 330 17.76 -6.77 18.76
CA GLN A 330 16.86 -5.62 18.69
C GLN A 330 15.60 -6.06 19.43
N LEU A 331 15.05 -5.19 20.26
CA LEU A 331 13.86 -5.54 21.02
C LEU A 331 12.58 -5.31 20.22
N TYR A 332 12.71 -4.58 19.12
CA TYR A 332 11.59 -4.28 18.25
C TYR A 332 12.07 -3.55 17.01
N SER A 333 11.27 -3.61 15.95
CA SER A 333 11.67 -2.96 14.71
C SER A 333 11.78 -1.46 14.85
N ASN A 334 12.56 -0.91 13.93
CA ASN A 334 12.84 0.51 13.83
C ASN A 334 11.57 1.33 13.63
N GLN A 335 10.47 0.66 13.31
CA GLN A 335 9.20 1.33 13.05
C GLN A 335 8.25 1.48 14.24
N LEU A 336 8.36 0.59 15.23
CA LEU A 336 7.45 0.60 16.38
C LEU A 336 7.31 1.93 17.10
N PRO A 337 8.43 2.57 17.46
CA PRO A 337 8.30 3.86 18.15
C PRO A 337 7.42 4.82 17.35
N LEU A 338 7.62 4.87 16.04
CA LEU A 338 6.81 5.76 15.20
C LEU A 338 5.35 5.35 15.28
N ASP A 339 5.07 4.06 15.19
CA ASP A 339 3.70 3.61 15.25
C ASP A 339 3.05 4.10 16.51
N PHE A 340 3.72 3.86 17.64
CA PHE A 340 3.15 4.26 18.92
C PHE A 340 2.92 5.75 19.10
N ALA A 341 3.67 6.57 18.37
CA ALA A 341 3.51 8.01 18.42
C ALA A 341 2.34 8.41 17.49
N LEU A 342 2.00 7.56 16.52
CA LEU A 342 0.90 7.88 15.62
C LEU A 342 -0.37 7.13 16.03
N GLY A 343 -0.22 6.02 16.75
CA GLY A 343 -1.37 5.25 17.16
C GLY A 343 -2.27 6.00 18.10
N LYS A 344 -3.48 5.48 18.35
CA LYS A 344 -4.45 6.13 19.23
C LYS A 344 -5.07 5.17 20.24
N SER A 345 -4.77 5.38 21.52
CA SER A 345 -5.30 4.52 22.59
C SER A 345 -5.50 5.27 23.91
N ASN A 346 -6.41 4.77 24.72
CA ASN A 346 -6.70 5.38 26.01
C ASN A 346 -5.70 4.99 27.10
N ASP A 347 -5.11 3.81 26.96
CA ASP A 347 -4.12 3.34 27.92
C ASP A 347 -2.97 2.74 27.12
N PRO A 348 -2.17 3.60 26.46
CA PRO A 348 -1.02 3.24 25.63
C PRO A 348 0.23 2.86 26.39
N VAL A 349 1.31 2.75 25.62
CA VAL A 349 2.63 2.45 26.16
C VAL A 349 3.36 3.77 25.99
N LYS A 350 3.88 4.30 27.08
CA LYS A 350 4.60 5.57 27.02
C LYS A 350 6.03 5.38 26.56
N ASP A 351 6.68 4.34 27.06
CA ASP A 351 8.06 4.09 26.68
C ASP A 351 8.19 2.63 26.26
N LEU A 352 8.44 2.41 24.98
CA LEU A 352 8.58 1.06 24.45
C LEU A 352 9.77 0.36 25.07
N SER A 353 10.84 1.13 25.30
CA SER A 353 12.07 0.62 25.89
C SER A 353 11.90 0.18 27.34
N LEU A 354 10.77 0.52 27.94
CA LEU A 354 10.51 0.11 29.31
C LEU A 354 9.77 -1.23 29.29
N VAL A 355 8.93 -1.42 28.28
CA VAL A 355 8.15 -2.63 28.12
C VAL A 355 9.02 -3.83 27.74
N PHE A 356 9.93 -3.61 26.79
CA PHE A 356 10.80 -4.68 26.34
C PHE A 356 12.23 -4.54 26.84
N GLY A 357 12.91 -5.68 26.97
CA GLY A 357 14.28 -5.70 27.44
C GLY A 357 14.36 -6.32 28.81
N ASN A 358 15.58 -6.50 29.31
CA ASN A 358 15.84 -7.10 30.63
C ASN A 358 15.81 -6.00 31.64
N HIS A 359 14.90 -6.14 32.60
CA HIS A 359 14.75 -5.16 33.64
C HIS A 359 14.96 -5.88 34.99
N GLU A 360 15.87 -6.87 34.96
CA GLU A 360 16.25 -7.71 36.10
C GLU A 360 15.45 -7.52 37.38
N PRO B 7 11.76 8.51 -37.00
CA PRO B 7 10.51 7.73 -37.18
C PRO B 7 10.01 6.93 -35.97
N THR B 8 10.65 7.10 -34.81
CA THR B 8 10.22 6.41 -33.58
C THR B 8 10.10 7.42 -32.46
N GLY B 9 8.87 7.66 -32.01
CA GLY B 9 8.64 8.63 -30.96
C GLY B 9 8.48 8.12 -29.53
N ILE B 10 9.19 8.79 -28.62
CA ILE B 10 9.14 8.48 -27.20
C ILE B 10 8.42 9.65 -26.52
N VAL B 11 7.12 9.48 -26.35
CA VAL B 11 6.29 10.52 -25.78
C VAL B 11 6.07 10.41 -24.27
N LEU B 12 6.79 11.22 -23.51
CA LEU B 12 6.65 11.22 -22.07
C LEU B 12 5.30 11.86 -21.78
N MET B 13 4.60 11.39 -20.75
CA MET B 13 3.29 11.94 -20.45
C MET B 13 3.02 12.05 -18.97
N ASN B 14 2.46 13.18 -18.57
CA ASN B 14 2.04 13.42 -17.20
C ASN B 14 1.03 14.57 -17.32
N MET B 15 0.41 14.97 -16.21
CA MET B 15 -0.59 16.03 -16.26
C MET B 15 -0.07 17.32 -16.87
N GLY B 16 1.12 17.72 -16.45
CA GLY B 16 1.71 18.94 -16.94
C GLY B 16 1.53 20.08 -15.94
N GLY B 17 2.01 21.25 -16.31
CA GLY B 17 1.88 22.41 -15.43
C GLY B 17 1.94 23.68 -16.25
N PRO B 18 1.36 24.78 -15.76
CA PRO B 18 1.37 26.06 -16.46
C PRO B 18 2.79 26.57 -16.61
N SER B 19 3.23 26.78 -17.84
CA SER B 19 4.57 27.27 -18.12
C SER B 19 4.72 28.76 -17.77
N LYS B 20 3.65 29.52 -17.95
CA LYS B 20 3.65 30.94 -17.63
C LYS B 20 2.55 31.21 -16.62
N VAL B 21 2.82 32.08 -15.62
CA VAL B 21 1.85 32.40 -14.59
C VAL B 21 0.38 32.40 -15.04
N GLU B 22 0.13 32.53 -16.33
CA GLU B 22 -1.25 32.45 -16.79
C GLU B 22 -1.46 31.64 -18.03
N GLU B 23 -1.55 30.35 -17.78
CA GLU B 23 -1.85 29.31 -18.75
C GLU B 23 -2.58 28.51 -17.68
N THR B 24 -2.59 29.14 -16.50
CA THR B 24 -3.22 28.67 -15.27
C THR B 24 -4.68 28.40 -15.59
N TYR B 25 -5.49 29.43 -15.55
CA TYR B 25 -6.89 29.26 -15.91
C TYR B 25 -6.78 28.83 -17.37
N ASP B 26 -7.02 27.54 -17.61
CA ASP B 26 -6.93 26.91 -18.94
C ASP B 26 -6.50 25.56 -18.48
N PHE B 27 -5.48 25.58 -17.63
CA PHE B 27 -4.92 24.41 -17.02
C PHE B 27 -5.96 23.96 -16.00
N LEU B 28 -6.19 24.77 -14.98
CA LEU B 28 -7.17 24.42 -13.95
C LEU B 28 -8.51 24.07 -14.59
N TYR B 29 -8.88 24.75 -15.67
CA TYR B 29 -10.15 24.44 -16.30
C TYR B 29 -10.06 23.05 -16.89
N GLN B 30 -9.08 22.85 -17.76
CA GLN B 30 -8.86 21.57 -18.41
C GLN B 30 -8.82 20.45 -17.38
N LEU B 31 -8.12 20.72 -16.27
CA LEU B 31 -7.93 19.81 -15.13
C LEU B 31 -9.26 19.35 -14.54
N PHE B 32 -10.04 20.30 -14.02
CA PHE B 32 -11.32 19.96 -13.41
C PHE B 32 -12.43 19.61 -14.39
N ALA B 33 -12.18 19.78 -15.68
CA ALA B 33 -13.19 19.45 -16.68
C ALA B 33 -13.08 17.96 -16.95
N ASP B 34 -12.10 17.34 -16.32
CA ASP B 34 -11.90 15.90 -16.51
C ASP B 34 -12.47 15.07 -15.40
N ASN B 35 -13.54 14.36 -15.75
CA ASN B 35 -14.27 13.47 -14.87
C ASN B 35 -13.43 12.25 -14.54
N ASP B 36 -12.40 11.99 -15.34
CA ASP B 36 -11.53 10.84 -15.13
C ASP B 36 -10.52 11.04 -14.02
N LEU B 37 -10.24 12.31 -13.70
CA LEU B 37 -9.27 12.61 -12.66
C LEU B 37 -9.96 12.61 -11.31
N ILE B 38 -10.90 13.53 -11.15
CA ILE B 38 -11.66 13.66 -9.92
C ILE B 38 -13.12 13.60 -10.34
N PRO B 39 -13.84 12.56 -9.89
CA PRO B 39 -15.26 12.44 -10.25
C PRO B 39 -16.06 13.45 -9.44
N ILE B 40 -16.36 14.60 -10.05
CA ILE B 40 -17.09 15.63 -9.35
C ILE B 40 -18.55 15.63 -9.78
N SER B 41 -18.77 15.47 -11.07
CA SER B 41 -20.12 15.44 -11.58
C SER B 41 -20.15 14.75 -12.92
N ALA B 42 -20.63 13.52 -12.94
CA ALA B 42 -20.68 12.75 -14.18
C ALA B 42 -21.48 13.51 -15.24
N LYS B 43 -22.48 14.28 -14.80
CA LYS B 43 -23.34 15.02 -15.74
C LYS B 43 -23.00 16.49 -16.01
N TYR B 44 -22.26 17.14 -15.13
CA TYR B 44 -21.91 18.54 -15.33
C TYR B 44 -20.48 18.88 -14.91
N GLN B 45 -19.51 18.05 -15.28
CA GLN B 45 -18.14 18.30 -14.90
C GLN B 45 -17.59 19.56 -15.55
N LYS B 46 -17.65 19.65 -16.88
CA LYS B 46 -17.14 20.81 -17.60
C LYS B 46 -17.76 22.10 -17.09
N THR B 47 -19.08 22.09 -16.98
CA THR B 47 -19.78 23.26 -16.50
C THR B 47 -19.29 23.64 -15.09
N ILE B 48 -19.27 22.68 -14.17
CA ILE B 48 -18.81 22.95 -12.82
C ILE B 48 -17.31 23.26 -12.87
N ALA B 49 -16.66 22.82 -13.93
CA ALA B 49 -15.23 23.02 -14.07
C ALA B 49 -14.82 24.47 -14.18
N LYS B 50 -15.26 25.16 -15.23
CA LYS B 50 -14.88 26.56 -15.39
C LYS B 50 -15.30 27.39 -14.17
N TYR B 51 -16.31 26.92 -13.45
CA TYR B 51 -16.76 27.62 -12.25
C TYR B 51 -15.66 27.51 -11.20
N ILE B 52 -15.12 26.30 -11.06
CA ILE B 52 -14.05 26.05 -10.10
C ILE B 52 -12.77 26.72 -10.57
N ALA B 53 -12.53 26.64 -11.88
CA ALA B 53 -11.34 27.24 -12.47
C ALA B 53 -11.28 28.72 -12.12
N LYS B 54 -12.23 29.48 -12.65
CA LYS B 54 -12.31 30.92 -12.41
C LYS B 54 -12.25 31.26 -10.91
N PHE B 55 -12.67 30.33 -10.07
CA PHE B 55 -12.65 30.58 -8.64
C PHE B 55 -11.29 30.33 -7.99
N ARG B 56 -10.56 29.34 -8.46
CA ARG B 56 -9.25 29.03 -7.87
C ARG B 56 -8.06 29.68 -8.57
N THR B 57 -8.30 30.35 -9.70
CA THR B 57 -7.20 30.97 -10.43
C THR B 57 -6.40 32.00 -9.63
N PRO B 58 -7.06 32.83 -8.84
CA PRO B 58 -6.25 33.79 -8.08
C PRO B 58 -5.13 33.10 -7.29
N LYS B 59 -5.48 32.48 -6.18
CA LYS B 59 -4.51 31.80 -5.31
C LYS B 59 -3.41 31.04 -6.05
N ILE B 60 -3.83 30.18 -6.97
CA ILE B 60 -2.91 29.36 -7.74
C ILE B 60 -1.91 30.18 -8.55
N GLU B 61 -2.41 31.25 -9.15
CA GLU B 61 -1.58 32.13 -9.95
C GLU B 61 -0.51 32.78 -9.06
N LYS B 62 -0.88 33.07 -7.81
CA LYS B 62 0.03 33.69 -6.86
C LYS B 62 1.07 32.68 -6.36
N GLN B 63 0.69 31.40 -6.39
CA GLN B 63 1.62 30.34 -5.98
C GLN B 63 2.66 30.16 -7.06
N TYR B 64 2.22 30.11 -8.31
CA TYR B 64 3.14 29.95 -9.42
C TYR B 64 4.08 31.13 -9.53
N ARG B 65 3.79 32.18 -8.78
CA ARG B 65 4.63 33.35 -8.80
C ARG B 65 5.53 33.40 -7.59
N GLU B 66 5.20 32.61 -6.57
CA GLU B 66 6.03 32.57 -5.36
C GLU B 66 7.11 31.53 -5.58
N ILE B 67 7.10 30.91 -6.77
CA ILE B 67 8.09 29.88 -7.13
C ILE B 67 8.73 30.18 -8.50
N GLY B 68 8.75 31.45 -8.90
CA GLY B 68 9.37 31.80 -10.17
C GLY B 68 8.46 32.21 -11.32
N GLY B 69 7.15 32.10 -11.14
CA GLY B 69 6.25 32.48 -12.20
C GLY B 69 6.03 31.41 -13.26
N GLY B 70 5.73 30.19 -12.82
CA GLY B 70 5.50 29.11 -13.77
C GLY B 70 5.93 27.75 -13.27
N SER B 71 5.50 26.71 -14.00
CA SER B 71 5.86 25.35 -13.64
C SER B 71 7.07 24.91 -14.45
N PRO B 72 8.04 24.25 -13.80
CA PRO B 72 9.24 23.78 -14.48
C PRO B 72 8.99 22.43 -15.12
N ILE B 73 7.79 21.90 -14.93
CA ILE B 73 7.47 20.60 -15.49
C ILE B 73 7.81 20.45 -16.97
N ARG B 74 7.39 21.40 -17.78
CA ARG B 74 7.67 21.30 -19.21
C ARG B 74 9.16 21.18 -19.53
N LYS B 75 9.96 22.02 -18.89
CA LYS B 75 11.40 21.98 -19.13
C LYS B 75 11.95 20.62 -18.69
N TRP B 76 11.80 20.28 -17.41
CA TRP B 76 12.28 19.00 -16.89
C TRP B 76 11.81 17.82 -17.72
N SER B 77 10.56 17.85 -18.16
CA SER B 77 10.03 16.76 -18.97
C SER B 77 10.80 16.65 -20.28
N GLU B 78 10.87 17.78 -20.98
CA GLU B 78 11.58 17.87 -22.26
C GLU B 78 13.02 17.43 -22.11
N TYR B 79 13.68 17.90 -21.06
CA TYR B 79 15.07 17.52 -20.83
C TYR B 79 15.22 16.02 -20.67
N GLN B 80 14.38 15.42 -19.84
CA GLN B 80 14.45 13.99 -19.63
C GLN B 80 14.14 13.27 -20.93
N ALA B 81 13.08 13.69 -21.61
CA ALA B 81 12.69 13.06 -22.85
C ALA B 81 13.88 12.93 -23.81
N THR B 82 14.46 14.05 -24.20
CA THR B 82 15.59 14.05 -25.13
C THR B 82 16.79 13.26 -24.61
N GLU B 83 17.11 13.46 -23.34
CA GLU B 83 18.23 12.76 -22.69
C GLU B 83 18.03 11.25 -22.71
N VAL B 84 16.83 10.80 -22.37
CA VAL B 84 16.53 9.37 -22.38
C VAL B 84 16.64 8.89 -23.81
N CYS B 85 16.27 9.76 -24.74
CA CYS B 85 16.32 9.43 -26.15
C CYS B 85 17.74 9.37 -26.70
N LYS B 86 18.62 10.21 -26.18
CA LYS B 86 20.01 10.17 -26.64
C LYS B 86 20.55 8.76 -26.39
N ILE B 87 20.22 8.23 -25.21
CA ILE B 87 20.66 6.89 -24.81
C ILE B 87 20.14 5.80 -25.74
N LEU B 88 18.84 5.79 -25.95
CA LEU B 88 18.20 4.80 -26.80
C LEU B 88 18.82 4.68 -28.20
N ASP B 89 19.42 5.77 -28.68
CA ASP B 89 20.05 5.77 -29.99
C ASP B 89 21.30 4.91 -30.01
N LYS B 90 22.02 4.91 -28.90
CA LYS B 90 23.23 4.12 -28.77
C LYS B 90 22.89 2.72 -28.27
N THR B 91 21.80 2.63 -27.51
CA THR B 91 21.36 1.38 -26.91
C THR B 91 20.44 0.52 -27.76
N CYS B 92 19.52 1.15 -28.48
CA CYS B 92 18.60 0.43 -29.33
C CYS B 92 18.73 0.91 -30.77
N PRO B 93 19.89 0.70 -31.39
CA PRO B 93 20.06 1.15 -32.77
C PRO B 93 18.94 0.54 -33.61
N GLU B 94 18.48 -0.61 -33.15
CA GLU B 94 17.42 -1.36 -33.82
C GLU B 94 16.13 -0.56 -34.10
N THR B 95 16.04 0.63 -33.53
CA THR B 95 14.85 1.47 -33.72
C THR B 95 15.20 2.89 -34.13
N ALA B 96 16.13 2.99 -35.07
CA ALA B 96 16.60 4.25 -35.65
C ALA B 96 16.48 5.50 -34.73
N PRO B 97 16.26 6.71 -35.31
CA PRO B 97 16.15 7.88 -34.43
C PRO B 97 15.02 7.81 -33.41
N HIS B 98 15.30 8.25 -32.20
CA HIS B 98 14.28 8.27 -31.16
C HIS B 98 14.00 9.73 -30.87
N LYS B 99 12.85 10.22 -31.32
CA LYS B 99 12.51 11.62 -31.10
C LYS B 99 11.74 11.84 -29.82
N PRO B 100 12.27 12.70 -28.95
CA PRO B 100 11.62 13.01 -27.67
C PRO B 100 10.38 13.89 -27.76
N TYR B 101 9.25 13.34 -27.32
CA TYR B 101 8.00 14.09 -27.31
C TYR B 101 7.44 14.21 -25.91
N VAL B 102 6.54 15.16 -25.74
CA VAL B 102 5.92 15.39 -24.45
C VAL B 102 4.45 15.69 -24.68
N ALA B 103 3.59 14.92 -24.04
CA ALA B 103 2.16 15.11 -24.17
C ALA B 103 1.49 15.30 -22.84
N PHE B 104 1.23 16.55 -22.48
CA PHE B 104 0.55 16.86 -21.23
C PHE B 104 -0.96 16.70 -21.37
N ARG B 105 -1.59 16.30 -20.27
CA ARG B 105 -3.02 16.06 -20.25
C ARG B 105 -3.78 17.38 -20.21
N TYR B 106 -3.45 18.18 -19.23
CA TYR B 106 -4.12 19.46 -19.05
C TYR B 106 -3.19 20.64 -19.31
N ALA B 107 -1.91 20.36 -19.44
CA ALA B 107 -0.91 21.41 -19.68
C ALA B 107 -0.60 21.59 -21.14
N LYS B 108 0.04 22.72 -21.43
CA LYS B 108 0.36 23.11 -22.77
C LYS B 108 0.48 22.01 -23.81
N PRO B 109 1.70 21.59 -24.21
CA PRO B 109 1.69 20.54 -25.25
C PRO B 109 0.67 19.40 -25.07
N LEU B 110 -0.60 19.67 -25.36
CA LEU B 110 -1.63 18.65 -25.20
C LEU B 110 -1.46 17.54 -26.22
N THR B 111 -1.98 16.38 -25.86
CA THR B 111 -1.93 15.22 -26.71
C THR B 111 -2.25 15.64 -28.14
N ALA B 112 -3.20 16.56 -28.29
CA ALA B 112 -3.60 17.04 -29.61
C ALA B 112 -2.40 17.62 -30.34
N GLU B 113 -1.91 18.75 -29.84
CA GLU B 113 -0.76 19.42 -30.44
C GLU B 113 0.34 18.44 -30.81
N THR B 114 0.69 17.59 -29.86
CA THR B 114 1.76 16.62 -30.02
C THR B 114 1.54 15.51 -31.05
N TYR B 115 0.34 14.94 -31.10
CA TYR B 115 0.08 13.87 -32.06
C TYR B 115 0.28 14.43 -33.47
N LYS B 116 -0.05 15.71 -33.63
CA LYS B 116 0.08 16.39 -34.92
C LYS B 116 1.54 16.35 -35.36
N GLN B 117 2.40 16.95 -34.54
CA GLN B 117 3.84 17.00 -34.82
C GLN B 117 4.36 15.66 -35.27
N MET B 118 4.07 14.64 -34.47
CA MET B 118 4.51 13.28 -34.75
C MET B 118 4.11 12.77 -36.14
N LEU B 119 2.97 13.22 -36.64
CA LEU B 119 2.48 12.83 -37.96
C LEU B 119 3.22 13.63 -39.03
N LYS B 120 3.56 14.87 -38.68
CA LYS B 120 4.27 15.77 -39.56
C LYS B 120 5.70 15.26 -39.67
N ASP B 121 6.24 14.76 -38.55
CA ASP B 121 7.59 14.23 -38.53
C ASP B 121 7.64 12.77 -39.01
N GLY B 122 6.49 12.27 -39.47
CA GLY B 122 6.40 10.93 -39.99
C GLY B 122 6.72 9.76 -39.06
N VAL B 123 6.24 9.81 -37.83
CA VAL B 123 6.50 8.71 -36.90
C VAL B 123 5.65 7.48 -37.22
N LYS B 124 6.33 6.36 -37.35
CA LYS B 124 5.70 5.10 -37.68
C LYS B 124 5.28 4.38 -36.40
N LYS B 125 6.18 4.34 -35.43
CA LYS B 125 5.95 3.67 -34.17
C LYS B 125 6.24 4.64 -33.00
N ALA B 126 5.43 4.54 -31.94
CA ALA B 126 5.63 5.39 -30.77
C ALA B 126 5.28 4.67 -29.49
N VAL B 127 5.82 5.19 -28.40
CA VAL B 127 5.56 4.62 -27.09
C VAL B 127 5.03 5.71 -26.17
N ALA B 128 3.85 5.47 -25.63
CA ALA B 128 3.26 6.41 -24.69
C ALA B 128 3.94 6.04 -23.38
N PHE B 129 4.87 6.90 -22.96
CA PHE B 129 5.65 6.66 -21.75
C PHE B 129 5.10 7.45 -20.57
N SER B 130 4.20 6.84 -19.82
CA SER B 130 3.61 7.49 -18.65
C SER B 130 4.71 7.82 -17.66
N GLN B 131 4.89 9.09 -17.37
CA GLN B 131 5.91 9.50 -16.41
C GLN B 131 5.41 9.31 -14.99
N TYR B 132 4.40 8.46 -14.82
CA TYR B 132 3.83 8.16 -13.51
C TYR B 132 4.18 6.70 -13.22
N PRO B 133 5.28 6.47 -12.49
CA PRO B 133 5.70 5.11 -12.18
C PRO B 133 4.55 4.24 -11.67
N HIS B 134 3.62 4.89 -10.97
CA HIS B 134 2.45 4.21 -10.40
C HIS B 134 1.20 4.48 -11.20
N PHE B 135 0.54 3.41 -11.62
CA PHE B 135 -0.67 3.56 -12.39
C PHE B 135 -1.87 3.95 -11.55
N SER B 136 -2.69 4.79 -12.15
CA SER B 136 -3.94 5.25 -11.57
C SER B 136 -4.79 5.59 -12.78
N TYR B 137 -6.10 5.46 -12.66
CA TYR B 137 -6.97 5.76 -13.78
C TYR B 137 -7.07 7.27 -13.95
N SER B 138 -7.09 7.97 -12.81
CA SER B 138 -7.18 9.42 -12.81
C SER B 138 -6.03 10.03 -13.59
N THR B 139 -4.91 9.30 -13.68
CA THR B 139 -3.76 9.79 -14.43
C THR B 139 -3.46 9.02 -15.72
N THR B 140 -2.70 7.93 -15.62
CA THR B 140 -2.37 7.15 -16.81
C THR B 140 -3.62 6.84 -17.62
N GLY B 141 -4.69 6.43 -16.95
CA GLY B 141 -5.94 6.13 -17.64
C GLY B 141 -6.45 7.33 -18.42
N SER B 142 -6.63 8.46 -17.73
CA SER B 142 -7.10 9.68 -18.37
C SER B 142 -6.23 9.95 -19.58
N SER B 143 -4.93 9.95 -19.33
CA SER B 143 -3.92 10.14 -20.36
C SER B 143 -4.19 9.20 -21.55
N ILE B 144 -4.44 7.93 -21.28
CA ILE B 144 -4.68 7.01 -22.35
C ILE B 144 -6.04 7.26 -23.01
N ASN B 145 -7.09 7.38 -22.22
CA ASN B 145 -8.42 7.63 -22.78
C ASN B 145 -8.39 8.80 -23.76
N GLU B 146 -7.42 9.69 -23.60
CA GLU B 146 -7.29 10.84 -24.49
C GLU B 146 -6.56 10.41 -25.77
N LEU B 147 -5.42 9.75 -25.60
CA LEU B 147 -4.66 9.30 -26.74
C LEU B 147 -5.58 8.56 -27.71
N TRP B 148 -6.53 7.82 -27.14
CA TRP B 148 -7.47 7.07 -27.96
C TRP B 148 -8.30 8.04 -28.79
N ARG B 149 -8.75 9.11 -28.15
CA ARG B 149 -9.55 10.11 -28.84
C ARG B 149 -8.71 10.82 -29.88
N GLN B 150 -7.43 10.95 -29.61
CA GLN B 150 -6.54 11.62 -30.54
C GLN B 150 -6.25 10.74 -31.73
N ILE B 151 -6.08 9.45 -31.46
CA ILE B 151 -5.82 8.51 -32.52
C ILE B 151 -7.02 8.47 -33.45
N LYS B 152 -8.21 8.63 -32.89
CA LYS B 152 -9.45 8.59 -33.66
C LYS B 152 -9.75 9.81 -34.51
N ALA B 153 -9.32 10.98 -34.06
CA ALA B 153 -9.60 12.22 -34.77
C ALA B 153 -8.48 12.65 -35.69
N LEU B 154 -7.25 12.45 -35.23
CA LEU B 154 -6.07 12.86 -35.96
C LEU B 154 -5.39 11.82 -36.84
N ASP B 155 -5.67 10.55 -36.59
CA ASP B 155 -5.03 9.49 -37.37
C ASP B 155 -5.97 8.31 -37.63
N SER B 156 -6.98 8.53 -38.46
CA SER B 156 -7.92 7.45 -38.75
C SER B 156 -7.30 6.42 -39.68
N GLU B 157 -6.18 6.78 -40.29
CA GLU B 157 -5.48 5.89 -41.21
C GLU B 157 -4.77 4.81 -40.40
N ARG B 158 -4.48 5.14 -39.15
CA ARG B 158 -3.77 4.27 -38.22
C ARG B 158 -2.30 4.18 -38.65
N SER B 159 -1.75 5.36 -38.91
CA SER B 159 -0.36 5.51 -39.33
C SER B 159 0.58 5.00 -38.23
N ILE B 160 0.57 5.72 -37.12
CA ILE B 160 1.40 5.41 -35.96
C ILE B 160 0.98 4.16 -35.23
N SER B 161 1.97 3.39 -34.79
CA SER B 161 1.71 2.18 -34.04
C SER B 161 2.07 2.56 -32.61
N TRP B 162 1.09 2.52 -31.72
CA TRP B 162 1.33 2.88 -30.33
C TRP B 162 1.47 1.68 -29.42
N SER B 163 2.23 1.92 -28.35
CA SER B 163 2.46 0.93 -27.30
C SER B 163 2.67 1.79 -26.07
N VAL B 164 2.22 1.30 -24.93
CA VAL B 164 2.33 2.07 -23.71
C VAL B 164 3.08 1.46 -22.54
N ILE B 165 3.73 2.34 -21.78
CA ILE B 165 4.42 1.92 -20.58
C ILE B 165 3.42 2.46 -19.54
N ASP B 166 2.59 1.57 -19.01
CA ASP B 166 1.56 1.97 -18.06
C ASP B 166 1.91 1.90 -16.58
N ARG B 167 3.15 1.55 -16.26
CA ARG B 167 3.60 1.51 -14.88
C ARG B 167 5.03 0.97 -14.70
N TRP B 168 5.69 1.41 -13.65
CA TRP B 168 7.05 0.98 -13.35
C TRP B 168 7.41 1.31 -11.91
N PRO B 169 6.61 0.81 -10.95
CA PRO B 169 6.74 0.99 -9.50
C PRO B 169 8.10 0.71 -8.94
N THR B 170 8.78 -0.28 -9.49
CA THR B 170 10.08 -0.61 -8.96
C THR B 170 11.21 -0.69 -9.96
N ASN B 171 11.25 0.27 -10.87
CA ASN B 171 12.32 0.31 -11.84
C ASN B 171 13.61 0.50 -11.05
N GLU B 172 14.64 -0.25 -11.39
CA GLU B 172 15.93 -0.17 -10.68
C GLU B 172 16.48 1.25 -10.55
N GLY B 173 16.59 1.97 -11.67
CA GLY B 173 17.11 3.33 -11.64
C GLY B 173 16.32 4.22 -10.69
N LEU B 174 15.00 4.07 -10.75
CA LEU B 174 14.12 4.85 -9.89
C LEU B 174 14.43 4.59 -8.43
N ILE B 175 14.43 3.32 -8.07
CA ILE B 175 14.70 2.97 -6.69
C ILE B 175 16.05 3.49 -6.29
N LYS B 176 17.09 3.07 -7.01
CA LYS B 176 18.44 3.51 -6.68
C LYS B 176 18.60 5.04 -6.56
N ALA B 177 17.96 5.78 -7.47
CA ALA B 177 18.05 7.25 -7.44
C ALA B 177 17.51 7.73 -6.12
N PHE B 178 16.22 7.53 -5.91
CA PHE B 178 15.57 7.94 -4.69
C PHE B 178 16.42 7.55 -3.49
N SER B 179 17.01 6.36 -3.52
CA SER B 179 17.84 5.93 -2.41
C SER B 179 18.98 6.90 -2.18
N GLU B 180 19.87 6.98 -3.15
CA GLU B 180 21.03 7.87 -3.06
C GLU B 180 20.62 9.27 -2.62
N ASN B 181 19.55 9.77 -3.22
CA ASN B 181 19.02 11.10 -2.92
C ASN B 181 18.54 11.25 -1.47
N ILE B 182 18.01 10.17 -0.91
CA ILE B 182 17.53 10.16 0.47
C ILE B 182 18.72 10.06 1.41
N THR B 183 19.72 9.26 1.02
CA THR B 183 20.90 9.07 1.83
C THR B 183 21.71 10.37 1.99
N LYS B 184 22.01 11.02 0.87
CA LYS B 184 22.80 12.24 0.96
C LYS B 184 22.09 13.34 1.72
N LYS B 185 20.76 13.39 1.63
CA LYS B 185 20.02 14.43 2.34
C LYS B 185 20.07 14.20 3.83
N LEU B 186 20.20 12.94 4.24
CA LEU B 186 20.27 12.62 5.65
C LEU B 186 21.62 13.04 6.19
N GLN B 187 22.54 13.36 5.29
CA GLN B 187 23.86 13.80 5.70
C GLN B 187 23.78 15.20 6.27
N GLU B 188 22.74 15.93 5.86
CA GLU B 188 22.52 17.30 6.32
C GLU B 188 22.03 17.34 7.77
N PHE B 189 21.60 16.19 8.28
CA PHE B 189 21.14 16.14 9.65
C PHE B 189 22.35 15.77 10.50
N PRO B 190 22.40 16.27 11.74
CA PRO B 190 23.50 15.97 12.65
C PRO B 190 23.58 14.45 12.86
N GLN B 191 24.78 13.92 12.76
CA GLN B 191 25.02 12.49 12.91
C GLN B 191 24.25 11.80 14.04
N PRO B 192 24.34 12.31 15.27
CA PRO B 192 23.65 11.74 16.43
C PRO B 192 22.13 11.58 16.30
N VAL B 193 21.59 12.07 15.19
CA VAL B 193 20.16 12.01 14.98
C VAL B 193 19.77 11.40 13.63
N ARG B 194 20.76 11.31 12.75
CA ARG B 194 20.56 10.79 11.40
C ARG B 194 19.68 9.55 11.28
N ASP B 195 19.92 8.52 12.10
CA ASP B 195 19.09 7.32 12.00
C ASP B 195 17.72 7.50 12.64
N LYS B 196 17.47 8.68 13.17
CA LYS B 196 16.20 8.94 13.83
C LYS B 196 15.22 9.73 12.98
N VAL B 197 15.73 10.45 11.98
CA VAL B 197 14.85 11.22 11.11
C VAL B 197 13.80 10.32 10.48
N VAL B 198 12.53 10.70 10.63
CA VAL B 198 11.42 9.96 10.06
C VAL B 198 11.35 10.31 8.58
N LEU B 199 11.29 9.31 7.72
CA LEU B 199 11.25 9.54 6.28
C LEU B 199 9.81 9.48 5.76
N LEU B 200 9.19 10.64 5.58
CA LEU B 200 7.82 10.69 5.10
C LEU B 200 7.77 10.71 3.58
N PHE B 201 7.28 9.62 2.99
CA PHE B 201 7.16 9.57 1.54
C PHE B 201 5.81 10.20 1.21
N SER B 202 5.83 11.43 0.70
CA SER B 202 4.60 12.14 0.37
C SER B 202 4.19 12.02 -1.08
N ALA B 203 3.04 11.39 -1.29
CA ALA B 203 2.53 11.17 -2.64
C ALA B 203 1.20 11.86 -2.85
N HIS B 204 0.93 12.30 -4.07
CA HIS B 204 -0.34 12.96 -4.35
C HIS B 204 -1.47 12.01 -3.93
N SER B 205 -2.35 12.52 -3.08
CA SER B 205 -3.48 11.74 -2.58
C SER B 205 -4.44 11.41 -3.72
N LEU B 206 -5.53 10.74 -3.38
CA LEU B 206 -6.53 10.36 -4.36
C LEU B 206 -7.90 10.44 -3.71
N PRO B 207 -8.93 10.85 -4.46
CA PRO B 207 -10.26 10.93 -3.84
C PRO B 207 -10.64 9.50 -3.43
N MET B 208 -11.31 9.33 -2.31
CA MET B 208 -11.70 7.98 -1.92
C MET B 208 -12.59 7.36 -3.00
N ASP B 209 -13.30 8.20 -3.75
CA ASP B 209 -14.16 7.73 -4.83
C ASP B 209 -13.32 6.95 -5.83
N VAL B 210 -12.08 7.37 -6.04
CA VAL B 210 -11.23 6.66 -6.97
C VAL B 210 -10.64 5.42 -6.30
N VAL B 211 -10.28 5.57 -5.03
CA VAL B 211 -9.71 4.46 -4.28
C VAL B 211 -10.63 3.24 -4.24
N ASN B 212 -11.90 3.43 -3.93
CA ASN B 212 -12.81 2.29 -3.83
C ASN B 212 -13.31 1.72 -5.16
N THR B 213 -12.70 2.11 -6.26
CA THR B 213 -13.11 1.56 -7.54
C THR B 213 -12.20 0.38 -7.73
N GLY B 214 -11.08 0.40 -7.03
CA GLY B 214 -10.13 -0.68 -7.14
C GLY B 214 -8.87 -0.19 -7.81
N ASP B 215 -8.72 1.13 -7.90
CA ASP B 215 -7.56 1.76 -8.52
C ASP B 215 -6.29 1.10 -8.02
N ALA B 216 -5.35 0.83 -8.93
CA ALA B 216 -4.09 0.17 -8.56
C ALA B 216 -3.03 1.05 -7.90
N TYR B 217 -3.26 2.35 -7.96
CA TYR B 217 -2.30 3.34 -7.44
C TYR B 217 -1.79 3.27 -5.98
N PRO B 218 -2.69 3.36 -4.99
CA PRO B 218 -2.22 3.30 -3.59
C PRO B 218 -1.22 2.21 -3.29
N ALA B 219 -1.53 0.99 -3.75
CA ALA B 219 -0.67 -0.17 -3.50
C ALA B 219 0.63 -0.14 -4.29
N GLU B 220 0.61 0.52 -5.45
CA GLU B 220 1.80 0.60 -6.26
C GLU B 220 2.81 1.57 -5.66
N VAL B 221 2.32 2.65 -5.08
CA VAL B 221 3.19 3.62 -4.44
C VAL B 221 3.82 2.86 -3.29
N ALA B 222 2.99 2.13 -2.57
CA ALA B 222 3.46 1.33 -1.45
C ALA B 222 4.62 0.39 -1.86
N ALA B 223 4.54 -0.18 -3.06
CA ALA B 223 5.59 -1.08 -3.53
C ALA B 223 6.92 -0.34 -3.66
N THR B 224 6.88 0.85 -4.24
CA THR B 224 8.07 1.66 -4.42
C THR B 224 8.68 2.01 -3.09
N VAL B 225 7.85 2.51 -2.17
CA VAL B 225 8.37 2.89 -0.87
C VAL B 225 9.09 1.72 -0.19
N TYR B 226 8.42 0.58 -0.10
CA TYR B 226 9.06 -0.56 0.53
C TYR B 226 10.41 -0.86 -0.11
N ASN B 227 10.41 -1.09 -1.42
CA ASN B 227 11.65 -1.39 -2.13
C ASN B 227 12.72 -0.40 -1.71
N ILE B 228 12.35 0.87 -1.69
CA ILE B 228 13.30 1.91 -1.29
C ILE B 228 13.84 1.67 0.12
N MET B 229 12.99 1.22 1.04
CA MET B 229 13.45 0.97 2.40
C MET B 229 14.35 -0.24 2.51
N GLN B 230 14.18 -1.22 1.62
CA GLN B 230 15.04 -2.40 1.67
C GLN B 230 16.43 -1.95 1.26
N LYS B 231 16.51 -1.19 0.17
CA LYS B 231 17.78 -0.68 -0.31
C LYS B 231 18.45 0.11 0.82
N LEU B 232 17.64 0.74 1.67
CA LEU B 232 18.19 1.50 2.80
C LEU B 232 18.30 0.67 4.07
N LYS B 233 18.05 -0.63 3.95
CA LYS B 233 18.11 -1.56 5.09
C LYS B 233 17.30 -1.07 6.30
N PHE B 234 16.17 -0.42 6.04
CA PHE B 234 15.32 0.10 7.10
C PHE B 234 16.12 0.78 8.21
N LYS B 235 16.98 1.71 7.83
CA LYS B 235 17.80 2.42 8.80
C LYS B 235 17.00 3.41 9.62
N ASN B 236 16.06 4.10 8.96
CA ASN B 236 15.26 5.08 9.66
C ASN B 236 13.78 4.71 9.68
N PRO B 237 12.98 5.45 10.46
CA PRO B 237 11.55 5.12 10.50
C PRO B 237 10.97 5.73 9.22
N TYR B 238 9.89 5.17 8.70
CA TYR B 238 9.30 5.73 7.49
C TYR B 238 7.78 5.62 7.52
N ARG B 239 7.14 6.33 6.59
CA ARG B 239 5.70 6.28 6.49
C ARG B 239 5.26 6.82 5.16
N LEU B 240 4.24 6.19 4.58
CA LEU B 240 3.72 6.63 3.30
C LEU B 240 2.55 7.56 3.61
N VAL B 241 2.69 8.83 3.26
CA VAL B 241 1.62 9.79 3.51
C VAL B 241 1.15 10.47 2.23
N TRP B 242 0.06 11.23 2.30
CA TRP B 242 -0.47 11.84 1.10
C TRP B 242 -0.77 13.33 1.15
N GLN B 243 -0.46 14.04 0.05
CA GLN B 243 -0.65 15.48 0.00
C GLN B 243 -1.70 15.86 -1.01
N SER B 244 -1.59 17.10 -1.44
CA SER B 244 -2.38 17.63 -2.57
C SER B 244 -3.94 17.76 -2.63
N GLN B 245 -4.79 16.88 -2.05
CA GLN B 245 -6.30 16.93 -2.08
C GLN B 245 -7.05 18.29 -2.26
N VAL B 246 -8.37 18.20 -2.59
CA VAL B 246 -9.21 19.39 -2.77
C VAL B 246 -10.69 19.10 -2.49
N GLY B 247 -11.45 20.15 -2.11
CA GLY B 247 -12.88 19.97 -1.85
C GLY B 247 -13.20 19.10 -0.62
N PRO B 248 -14.50 19.02 -0.36
CA PRO B 248 -15.08 18.31 0.81
C PRO B 248 -14.93 16.80 0.68
N LYS B 249 -14.98 16.33 -0.55
CA LYS B 249 -14.86 14.90 -0.80
C LYS B 249 -13.71 14.33 0.03
N PRO B 250 -13.88 13.10 0.54
CA PRO B 250 -12.81 12.49 1.34
C PRO B 250 -11.68 12.07 0.43
N TRP B 251 -10.47 12.05 0.98
CA TRP B 251 -9.29 11.61 0.21
C TRP B 251 -8.51 10.58 1.01
N LEU B 252 -7.50 9.99 0.38
CA LEU B 252 -6.71 8.93 0.99
C LEU B 252 -5.72 9.24 2.11
N GLY B 253 -5.32 8.12 2.74
CA GLY B 253 -4.35 8.02 3.83
C GLY B 253 -4.32 9.15 4.80
N ALA B 254 -3.16 9.38 5.38
CA ALA B 254 -2.99 10.48 6.31
C ALA B 254 -2.44 11.65 5.48
N GLN B 255 -2.99 12.83 5.68
CA GLN B 255 -2.53 14.00 4.94
C GLN B 255 -1.12 14.33 5.35
N THR B 256 -0.27 14.65 4.39
CA THR B 256 1.13 14.96 4.71
C THR B 256 1.19 16.12 5.68
N ALA B 257 0.48 17.19 5.34
CA ALA B 257 0.43 18.39 6.16
C ALA B 257 0.18 18.05 7.63
N GLU B 258 -0.93 17.37 7.89
CA GLU B 258 -1.28 16.99 9.27
C GLU B 258 -0.25 16.12 9.97
N ILE B 259 0.16 15.04 9.33
CA ILE B 259 1.16 14.15 9.91
C ILE B 259 2.36 14.99 10.31
N ALA B 260 2.80 15.84 9.39
CA ALA B 260 3.94 16.71 9.63
C ALA B 260 3.73 17.61 10.85
N GLU B 261 2.60 18.31 10.89
CA GLU B 261 2.32 19.21 12.01
C GLU B 261 2.22 18.47 13.33
N PHE B 262 1.65 17.27 13.30
CA PHE B 262 1.52 16.46 14.49
C PHE B 262 2.87 15.93 15.00
N LEU B 263 3.73 15.52 14.08
CA LEU B 263 5.03 14.95 14.44
C LEU B 263 6.10 15.95 14.87
N GLY B 264 6.07 17.13 14.26
CA GLY B 264 7.06 18.18 14.57
C GLY B 264 7.53 18.13 16.01
N PRO B 265 6.61 18.17 16.98
CA PRO B 265 6.91 18.12 18.41
C PRO B 265 7.56 16.82 18.90
N LYS B 266 7.25 15.69 18.25
CA LYS B 266 7.79 14.41 18.70
C LYS B 266 9.04 13.91 17.98
N VAL B 267 9.55 14.63 16.98
CA VAL B 267 10.72 14.13 16.27
C VAL B 267 11.98 14.98 16.28
N ASP B 268 13.07 14.32 15.92
CA ASP B 268 14.38 14.94 15.83
C ASP B 268 14.47 15.54 14.44
N GLY B 269 13.76 14.92 13.50
CA GLY B 269 13.78 15.39 12.13
C GLY B 269 12.77 14.70 11.23
N LEU B 270 12.44 15.38 10.13
CA LEU B 270 11.49 14.87 9.16
C LEU B 270 11.96 15.15 7.75
N MET B 271 11.89 14.14 6.90
CA MET B 271 12.27 14.33 5.51
C MET B 271 11.04 14.06 4.65
N PHE B 272 10.90 14.81 3.58
CA PHE B 272 9.77 14.59 2.70
C PHE B 272 10.31 14.12 1.38
N ILE B 273 9.70 13.10 0.82
CA ILE B 273 10.16 12.54 -0.44
C ILE B 273 9.03 12.52 -1.47
N PRO B 274 9.25 13.18 -2.62
CA PRO B 274 8.32 13.30 -3.75
C PRO B 274 8.12 11.96 -4.42
N ILE B 275 7.95 10.93 -3.60
CA ILE B 275 7.81 9.56 -4.05
C ILE B 275 6.95 9.32 -5.30
N ALA B 276 5.91 10.12 -5.50
CA ALA B 276 5.04 9.91 -6.65
C ALA B 276 5.30 10.68 -7.93
N PHE B 277 6.31 11.54 -7.98
CA PHE B 277 6.54 12.27 -9.22
C PHE B 277 7.97 12.23 -9.73
N THR B 278 8.17 12.63 -10.97
CA THR B 278 9.48 12.60 -11.60
C THR B 278 10.25 13.91 -11.73
N SER B 279 9.72 15.00 -11.21
CA SER B 279 10.44 16.27 -11.29
C SER B 279 9.85 17.24 -10.31
N ASP B 280 10.51 18.38 -10.13
CA ASP B 280 9.97 19.38 -9.27
C ASP B 280 8.79 20.02 -9.95
N HIS B 281 7.90 20.61 -9.18
CA HIS B 281 6.75 21.35 -9.71
C HIS B 281 6.04 22.06 -8.56
N ILE B 282 4.81 22.46 -8.78
CA ILE B 282 4.12 23.23 -7.73
C ILE B 282 3.97 22.56 -6.39
N GLU B 283 4.29 21.39 -6.39
CA GLU B 283 3.92 20.68 -5.33
C GLU B 283 5.00 20.40 -4.34
N THR B 284 6.16 20.32 -4.89
CA THR B 284 7.29 20.20 -4.08
C THR B 284 7.69 21.62 -3.73
N LEU B 285 7.93 22.42 -4.77
CA LEU B 285 8.37 23.80 -4.64
C LEU B 285 7.50 24.72 -3.79
N HIS B 286 6.21 24.38 -3.63
CA HIS B 286 5.31 25.21 -2.83
C HIS B 286 4.61 24.48 -1.68
N GLU B 287 3.78 23.49 -2.00
CA GLU B 287 3.05 22.71 -0.99
C GLU B 287 3.99 22.30 0.15
N ILE B 288 5.14 21.79 -0.25
CA ILE B 288 6.12 21.29 0.71
C ILE B 288 7.08 22.36 1.20
N ASP B 289 7.94 22.81 0.30
CA ASP B 289 8.94 23.82 0.62
C ASP B 289 8.40 25.07 1.32
N LEU B 290 7.44 25.73 0.71
CA LEU B 290 6.86 26.94 1.29
C LEU B 290 5.78 26.68 2.33
N GLY B 291 4.91 25.71 2.07
CA GLY B 291 3.81 25.42 3.00
C GLY B 291 4.23 24.55 4.18
N VAL B 292 4.39 23.26 3.94
CA VAL B 292 4.75 22.30 4.99
C VAL B 292 6.04 22.62 5.72
N ILE B 293 7.12 22.84 4.98
CA ILE B 293 8.39 23.13 5.62
C ILE B 293 8.50 24.57 6.05
N GLY B 294 8.46 25.47 5.07
CA GLY B 294 8.59 26.89 5.34
C GLY B 294 7.34 27.63 5.77
N GLU B 295 6.83 27.28 6.94
CA GLU B 295 5.63 27.89 7.52
C GLU B 295 5.40 27.13 8.80
N SER B 296 6.35 26.26 9.12
CA SER B 296 6.29 25.46 10.32
C SER B 296 7.33 26.02 11.25
N GLU B 297 7.03 26.06 12.53
CA GLU B 297 7.99 26.57 13.49
C GLU B 297 9.08 25.52 13.64
N TYR B 298 9.16 24.61 12.67
CA TYR B 298 10.16 23.55 12.71
C TYR B 298 11.02 23.51 11.47
N LYS B 299 10.93 24.58 10.66
CA LYS B 299 11.67 24.71 9.41
C LYS B 299 13.04 24.05 9.46
N ASP B 300 13.64 24.03 10.65
CA ASP B 300 14.96 23.45 10.84
C ASP B 300 15.03 21.93 10.82
N LYS B 301 14.22 21.28 11.64
CA LYS B 301 14.23 19.82 11.69
C LYS B 301 13.47 19.20 10.52
N PHE B 302 13.14 20.02 9.51
CA PHE B 302 12.43 19.57 8.32
C PHE B 302 13.25 19.83 7.07
N LYS B 303 13.33 18.83 6.19
CA LYS B 303 14.08 18.95 4.93
C LYS B 303 13.42 18.13 3.82
N ARG B 304 13.56 18.57 2.58
CA ARG B 304 12.97 17.86 1.46
C ARG B 304 14.00 17.16 0.58
N CYS B 305 13.74 15.89 0.30
CA CYS B 305 14.62 15.11 -0.54
C CYS B 305 14.57 15.73 -1.93
N GLU B 306 15.69 15.71 -2.62
CA GLU B 306 15.80 16.27 -3.95
C GLU B 306 14.94 15.54 -4.97
N SER B 307 14.22 16.27 -5.83
CA SER B 307 13.41 15.60 -6.84
C SER B 307 14.32 14.99 -7.90
N LEU B 308 13.89 13.90 -8.52
CA LEU B 308 14.69 13.23 -9.54
C LEU B 308 15.18 14.18 -10.64
N ASN B 309 14.25 14.97 -11.19
CA ASN B 309 14.56 15.92 -12.26
C ASN B 309 15.50 15.37 -13.33
N GLY B 310 16.75 15.82 -13.30
CA GLY B 310 17.72 15.38 -14.29
C GLY B 310 18.71 14.35 -13.79
N ASN B 311 18.32 13.60 -12.78
CA ASN B 311 19.18 12.57 -12.21
C ASN B 311 19.60 11.50 -13.24
N GLN B 312 20.90 11.29 -13.40
CA GLN B 312 21.41 10.29 -14.36
C GLN B 312 21.05 8.84 -14.02
N THR B 313 21.03 8.50 -12.74
CA THR B 313 20.67 7.14 -12.33
C THR B 313 19.23 6.94 -12.77
N PHE B 314 18.42 7.96 -12.52
CA PHE B 314 17.01 7.95 -12.88
C PHE B 314 16.81 7.90 -14.40
N ILE B 315 17.45 8.82 -15.11
CA ILE B 315 17.31 8.89 -16.56
C ILE B 315 17.76 7.59 -17.22
N GLU B 316 18.87 7.03 -16.74
CA GLU B 316 19.36 5.78 -17.30
C GLU B 316 18.39 4.64 -17.07
N GLY B 317 17.70 4.68 -15.94
CA GLY B 317 16.72 3.64 -15.66
C GLY B 317 15.57 3.77 -16.65
N MET B 318 15.17 4.99 -16.94
CA MET B 318 14.08 5.22 -17.87
C MET B 318 14.47 4.78 -19.27
N ALA B 319 15.71 5.06 -19.64
CA ALA B 319 16.20 4.70 -20.96
C ALA B 319 16.25 3.19 -21.01
N ASP B 320 16.70 2.61 -19.91
CA ASP B 320 16.82 1.18 -19.82
C ASP B 320 15.44 0.55 -19.75
N LEU B 321 14.48 1.29 -19.20
CA LEU B 321 13.11 0.80 -19.09
C LEU B 321 12.53 0.72 -20.50
N VAL B 322 12.65 1.82 -21.24
CA VAL B 322 12.16 1.89 -22.61
C VAL B 322 12.75 0.75 -23.44
N LYS B 323 14.03 0.46 -23.22
CA LYS B 323 14.70 -0.62 -23.93
C LYS B 323 13.96 -1.94 -23.73
N SER B 324 13.76 -2.32 -22.47
CA SER B 324 13.04 -3.55 -22.14
C SER B 324 11.70 -3.59 -22.87
N HIS B 325 10.91 -2.54 -22.68
CA HIS B 325 9.60 -2.41 -23.30
C HIS B 325 9.66 -2.71 -24.79
N LEU B 326 10.39 -1.86 -25.52
CA LEU B 326 10.53 -2.03 -26.96
C LEU B 326 10.94 -3.44 -27.29
N GLN B 327 11.90 -3.98 -26.54
CA GLN B 327 12.37 -5.33 -26.79
C GLN B 327 11.36 -6.41 -26.52
N SER B 328 10.08 -6.13 -26.69
CA SER B 328 9.10 -7.16 -26.45
C SER B 328 7.81 -6.89 -27.15
N ASN B 329 6.88 -7.81 -26.95
CA ASN B 329 5.57 -7.64 -27.50
C ASN B 329 4.98 -6.65 -26.52
N GLN B 330 3.84 -7.04 -25.94
CA GLN B 330 3.15 -6.18 -25.01
C GLN B 330 3.29 -4.70 -25.29
N LEU B 331 2.20 -4.20 -25.88
CA LEU B 331 2.05 -2.83 -26.25
C LEU B 331 1.55 -2.15 -24.99
N TYR B 332 1.28 -2.98 -23.97
CA TYR B 332 0.83 -2.53 -22.66
C TYR B 332 1.02 -3.69 -21.68
N SER B 333 1.03 -3.40 -20.39
CA SER B 333 1.22 -4.45 -19.40
C SER B 333 -0.02 -5.30 -19.18
N ASN B 334 0.20 -6.35 -18.39
CA ASN B 334 -0.78 -7.34 -18.02
C ASN B 334 -1.92 -6.78 -17.14
N GLN B 335 -1.61 -5.72 -16.41
CA GLN B 335 -2.55 -5.08 -15.50
C GLN B 335 -3.58 -4.12 -16.10
N LEU B 336 -3.26 -3.52 -17.25
CA LEU B 336 -4.14 -2.53 -17.88
C LEU B 336 -5.61 -2.92 -18.06
N PRO B 337 -5.87 -4.08 -18.67
CA PRO B 337 -7.27 -4.47 -18.87
C PRO B 337 -8.09 -4.38 -17.58
N LEU B 338 -7.57 -4.95 -16.49
CA LEU B 338 -8.29 -4.92 -15.23
C LEU B 338 -8.44 -3.47 -14.85
N ASP B 339 -7.41 -2.68 -15.09
CA ASP B 339 -7.48 -1.25 -14.79
C ASP B 339 -8.66 -0.64 -15.51
N PHE B 340 -8.85 -1.05 -16.76
CA PHE B 340 -9.95 -0.49 -17.53
C PHE B 340 -11.31 -1.05 -17.20
N ALA B 341 -11.31 -2.20 -16.52
CA ALA B 341 -12.56 -2.81 -16.11
C ALA B 341 -13.06 -2.10 -14.86
N LEU B 342 -12.11 -1.66 -14.02
CA LEU B 342 -12.41 -0.99 -12.76
C LEU B 342 -12.50 0.53 -12.82
N GLY B 343 -11.85 1.14 -13.80
CA GLY B 343 -11.88 2.59 -13.93
C GLY B 343 -13.27 3.10 -14.17
N LYS B 344 -13.48 4.40 -14.03
CA LYS B 344 -14.81 4.97 -14.25
C LYS B 344 -14.73 6.18 -15.18
N SER B 345 -15.36 6.03 -16.34
CA SER B 345 -15.34 7.07 -17.33
C SER B 345 -16.58 7.21 -18.15
N ASN B 346 -16.78 8.41 -18.68
CA ASN B 346 -17.89 8.71 -19.55
C ASN B 346 -17.45 8.38 -20.97
N ASP B 347 -16.14 8.28 -21.16
CA ASP B 347 -15.58 7.97 -22.47
C ASP B 347 -14.35 7.09 -22.34
N PRO B 348 -14.55 5.82 -21.92
CA PRO B 348 -13.45 4.86 -21.74
C PRO B 348 -13.02 4.27 -23.05
N VAL B 349 -11.96 3.48 -22.94
CA VAL B 349 -11.44 2.76 -24.09
C VAL B 349 -12.15 1.40 -23.96
N LYS B 350 -12.91 1.02 -24.99
CA LYS B 350 -13.60 -0.26 -24.97
C LYS B 350 -12.60 -1.37 -25.24
N ASP B 351 -11.71 -1.17 -26.21
CA ASP B 351 -10.74 -2.20 -26.55
C ASP B 351 -9.29 -1.73 -26.59
N LEU B 352 -8.55 -2.04 -25.52
CA LEU B 352 -7.15 -1.68 -25.43
C LEU B 352 -6.44 -2.35 -26.60
N SER B 353 -6.97 -3.50 -26.97
CA SER B 353 -6.45 -4.31 -28.08
C SER B 353 -6.49 -3.55 -29.41
N LEU B 354 -7.46 -2.66 -29.57
CA LEU B 354 -7.58 -1.90 -30.79
C LEU B 354 -6.75 -0.62 -30.69
N VAL B 355 -6.60 -0.09 -29.48
CA VAL B 355 -5.85 1.14 -29.31
C VAL B 355 -4.35 1.02 -29.53
N PHE B 356 -3.74 -0.08 -29.10
CA PHE B 356 -2.30 -0.25 -29.29
C PHE B 356 -2.01 -1.44 -30.20
N GLY B 357 -1.44 -1.13 -31.36
CA GLY B 357 -1.13 -2.16 -32.33
C GLY B 357 -0.68 -1.61 -33.66
N ASN B 358 -0.74 -2.44 -34.69
CA ASN B 358 -0.34 -2.05 -36.03
C ASN B 358 -1.53 -1.50 -36.84
N HIS B 359 -2.70 -2.13 -36.67
CA HIS B 359 -3.95 -1.75 -37.34
C HIS B 359 -3.77 -0.87 -38.58
N GLU B 360 -3.44 -1.48 -39.72
CA GLU B 360 -3.22 -0.69 -40.93
C GLU B 360 -3.70 -1.37 -42.22
CO CO C . -13.21 -7.31 11.97
CO CO D . -2.29 17.40 -8.22
#